data_9OCH
#
_entry.id   9OCH
#
_cell.length_a   1.00
_cell.length_b   1.00
_cell.length_c   1.00
_cell.angle_alpha   90.00
_cell.angle_beta   90.00
_cell.angle_gamma   90.00
#
_symmetry.space_group_name_H-M   'P 1'
#
loop_
_entity.id
_entity.type
_entity.pdbx_description
1 polymer 'Antigen peptide transporter 2'
2 polymer 'TAP transport inhibitor US6'
3 polymer 'Antigen peptide transporter 1'
4 non-polymer "ADENOSINE-5'-DIPHOSPHATE"
5 non-polymer 'MAGNESIUM ION'
6 non-polymer "ADENOSINE-5'-TRIPHOSPHATE"
#
loop_
_entity_poly.entity_id
_entity_poly.type
_entity_poly.pdbx_seq_one_letter_code
_entity_poly.pdbx_strand_id
1 'polypeptide(L)'
;MRLPDLRPWTSLLLVDAALLWLLQGPLGTLLPQGLPGLWLEGTLRLGGLWGLLKLRGLLGFVGTLLLPLCLATPLTVSLR
ALVAGASRAPPARVASAPWSWLLVGYGAAGLSWSLWAVLSPPGAQEKEQDQVNNKVLMWRLLKLSRPDLPLLVAAFFFLV
LAVLGETLIPHYSGRVIDILGGDFDPHAFASAIFFMCLFSFGSSLSAGCRGGCFTYTMSRINLRIREQLFSSLLRQDLGF
FQETKTGELNSRLSSDTTLMSNWLPLNANVLLRSLVKVVGLYGFMLSISPRLTLLSLLHMPFTIAAEKVYNTRHQEVLRE
IQDAVARAGQVVREAVGGLQTVRSFGAEEHEVCRYKEALEQCRQLYWRRDLERALYLLVRRVLHLGVQMLMLSCGLQQMQ
DGELTQGSLLSFMIYQESVGSYVQTLVYIYGDMLSNVGAAEKVFSYMDRQPNLPSPGTLAPTTLQGVVKFQDVSFAYPNR
PDRPVLKGLTFTLRPGEVTALVGPNGSGKSTVAALLQNLYQPTGGQVLLDEKPISQYEHCYLHSQVVSVGQEPVLFSGSV
RNNIAYGLQSCEDDKVMAAAQAAHADDFIQEMEHGIYTDVGEKGSQLAAGQKQRLAIARALVRDPRVLILDEATSALDVQ
CEQALQDWNSRGDRTVLVIAHRLQTVQRAHQILVLQEGKLQKLAQL
;
B
2 'polypeptide(L)'
;MDLLIRLGFLLMCALPTPGERSSRDPKTLLSLSPRQQACVPRTKSHRPVCYNDTGDCTDADDSWKQLGEDFAHQCLQAAK
KRPKTHKSRPNDRNLEGRLTCQRVRRLLPCDLDIHPSHRLLTLMNNCVCDGAVWNAFRLIERHGFFAVTLYLCCGITLLV
VILALLCSITYESTGRGIRRCGSGSSGGGSSGSGGENLYFQGSGGGSGGSGGGMGRGVPHIVVDAYKRYKSAQLEVLFQ
;
D
3 'polypeptide(L)'
;MASSRCPAPRGCRCLPGASLAWLGTVLLLLADWVLLRTALPRIFSLLVPTALPLLRVWAVGLSRWAVLWLGACGVLRATV
GSKSENAGAQGWLAALKPLAAALGLALPGLALFRELISWGAPGSADSTRLLHWGSHPTAFVVSYAAALPAAALWHKLGSL
WVPGGQGGSGNPVRRLLGCLGSETRRLSLFLVLVVLSSLGEMAIPFFTGRLTDWILQDGSADTFTRNLTLMSILTIASAV
LEFVGDGIYNNTMGHVHSHLQGEVFGAVLRQETEFFQQNQTGNIMSRVTEDTSTLSDSLSENLSLFLWYLVRGLCLLGIM
LWGSVSLTMVTLITLPLLFLLPKKVGKWYQLLEVQVRESLAKSSQVAIEALSAMPTVRSFANEEGEAQKFREKLQEIKTL
NQKEAVAYAVNSWTTSISGMLLKVGILYIGGQLVTSGAVSSGNLVTFVLYQMQFTQAVEVLLSIYPRVQKAVGSSEKIFE
YLDRTPRCPPSGLLTPLHLEGLVQFQDVSFAYPNRPDVLVLQGLTFTLRPGEVTALVGPNGSGKSTVAALLQNLYQPTGG
QLLLDGKPLPQYEHRYLHRQVAAVGQEPQVFGRSLQENIAYGLTQKPTMEEITAAAVKSGAHSFISGLPQGYDTEVDEAG
SQLSGGQRQAVALARALIRKPCVLILDDATSALDANSQLQVEQLLYESPERYSRSVLLITQHLSLVEQADHILFLEGGAI
REGGTHQQLMEKKGCYWAMVQAPADAPESAQLEGSGGGAMVTTLSGLSGEQGPSGDMTTEEDSATHIKFSKRDEDGRELA
GATMELRDSSGKTISTWISDGHVKDFYLYPGKYTFVETAAPDGYEVATPIEFTVNEDGQVTVDGEATEGDAHTSGGGHHH
HHHHHHH
;
A
#
loop_
_chem_comp.id
_chem_comp.type
_chem_comp.name
_chem_comp.formula
ADP non-polymer ADENOSINE-5'-DIPHOSPHATE 'C10 H15 N5 O10 P2'
ATP non-polymer ADENOSINE-5'-TRIPHOSPHATE 'C10 H16 N5 O13 P3'
MG non-polymer 'MAGNESIUM ION' 'Mg 2'
#
# COMPACT_ATOMS: atom_id res chain seq x y z
N ASN A 134 22.02 1.26 10.97
CA ASN A 134 23.37 1.72 11.26
C ASN A 134 24.02 2.37 10.04
N LYS A 135 25.30 2.74 10.18
CA LYS A 135 25.99 3.42 9.09
C LYS A 135 26.24 2.51 7.89
N VAL A 136 26.21 1.20 8.09
CA VAL A 136 26.47 0.27 6.99
C VAL A 136 25.39 0.40 5.91
N LEU A 137 24.13 0.48 6.33
CA LEU A 137 23.03 0.60 5.37
C LEU A 137 23.07 1.93 4.64
N MET A 138 23.43 3.02 5.33
CA MET A 138 23.54 4.32 4.66
C MET A 138 24.63 4.31 3.60
N TRP A 139 25.70 3.52 3.83
CA TRP A 139 26.72 3.38 2.80
C TRP A 139 26.14 2.76 1.54
N ARG A 140 25.29 1.75 1.69
CA ARG A 140 24.56 1.22 0.54
C ARG A 140 23.60 2.25 -0.03
N LEU A 141 22.95 3.03 0.84
CA LEU A 141 22.06 4.09 0.36
C LEU A 141 22.83 5.11 -0.47
N LEU A 142 24.02 5.51 0.01
CA LEU A 142 24.86 6.39 -0.79
C LEU A 142 25.33 5.68 -2.06
N LYS A 143 25.56 4.37 -1.98
CA LYS A 143 25.99 3.61 -3.15
C LYS A 143 24.94 3.69 -4.26
N LEU A 144 23.66 3.57 -3.91
CA LEU A 144 22.60 3.70 -4.89
C LEU A 144 22.24 5.15 -5.19
N SER A 145 22.65 6.09 -4.33
CA SER A 145 22.38 7.51 -4.56
C SER A 145 23.46 8.16 -5.40
N ARG A 146 24.57 7.47 -5.64
CA ARG A 146 25.67 8.01 -6.43
C ARG A 146 25.25 8.58 -7.78
N PRO A 147 24.36 7.96 -8.56
CA PRO A 147 24.00 8.55 -9.86
C PRO A 147 23.38 9.95 -9.78
N ASP A 148 22.99 10.42 -8.60
CA ASP A 148 22.37 11.73 -8.45
C ASP A 148 23.34 12.81 -7.98
N LEU A 149 24.64 12.53 -7.97
CA LEU A 149 25.64 13.52 -7.51
C LEU A 149 25.55 14.88 -8.20
N PRO A 150 25.30 14.97 -9.51
CA PRO A 150 25.17 16.31 -10.12
C PRO A 150 24.11 17.19 -9.48
N LEU A 151 23.04 16.59 -8.95
CA LEU A 151 22.06 17.38 -8.22
C LEU A 151 22.59 17.79 -6.84
N LEU A 152 23.30 16.89 -6.18
CA LEU A 152 23.80 17.19 -4.84
C LEU A 152 24.84 18.31 -4.86
N VAL A 153 25.73 18.32 -5.86
CA VAL A 153 26.73 19.38 -5.90
C VAL A 153 26.07 20.72 -6.19
N ALA A 154 25.07 20.73 -7.08
CA ALA A 154 24.33 21.95 -7.34
C ALA A 154 23.64 22.45 -6.08
N ALA A 155 23.03 21.53 -5.32
CA ALA A 155 22.38 21.91 -4.07
C ALA A 155 23.39 22.47 -3.08
N PHE A 156 24.58 21.86 -2.99
CA PHE A 156 25.60 22.33 -2.05
C PHE A 156 26.05 23.69 -2.57
N PHE A 157 26.36 23.78 -3.87
CA PHE A 157 26.72 25.08 -4.44
C PHE A 157 25.76 26.24 -4.09
N PHE A 158 24.48 26.02 -4.33
CA PHE A 158 23.49 27.10 -4.03
C PHE A 158 23.34 27.38 -2.52
N LEU A 159 23.20 26.35 -1.70
CA LEU A 159 22.95 26.60 -0.28
C LEU A 159 24.12 27.42 0.25
N VAL A 160 25.33 27.18 -0.25
CA VAL A 160 26.46 28.01 0.16
C VAL A 160 26.23 29.46 -0.27
N LEU A 161 25.78 29.66 -1.51
CA LEU A 161 25.41 30.99 -1.95
C LEU A 161 24.27 31.56 -1.12
N ALA A 162 23.27 30.73 -0.79
CA ALA A 162 22.15 31.20 0.02
C ALA A 162 22.60 31.72 1.37
N VAL A 163 23.45 30.97 2.08
CA VAL A 163 23.89 31.41 3.40
C VAL A 163 24.82 32.61 3.30
N LEU A 164 25.69 32.65 2.29
CA LEU A 164 26.53 33.83 2.10
C LEU A 164 25.70 35.06 1.75
N GLY A 165 24.50 34.89 1.22
CA GLY A 165 23.61 36.01 1.01
C GLY A 165 22.89 36.42 2.29
N GLU A 166 22.42 35.43 3.06
CA GLU A 166 21.77 35.72 4.34
C GLU A 166 22.71 36.42 5.32
N THR A 167 24.01 36.19 5.21
CA THR A 167 24.93 36.81 6.17
C THR A 167 25.13 38.30 5.94
N LEU A 168 24.52 38.89 4.91
CA LEU A 168 24.69 40.31 4.60
C LEU A 168 23.47 41.17 4.94
N ILE A 169 22.28 40.58 5.01
CA ILE A 169 21.04 41.31 5.30
C ILE A 169 21.11 42.08 6.62
N PRO A 170 21.58 41.47 7.73
CA PRO A 170 21.57 42.22 9.00
C PRO A 170 22.36 43.50 8.97
N HIS A 171 23.43 43.57 8.17
CA HIS A 171 24.22 44.79 8.10
C HIS A 171 23.37 45.97 7.62
N TYR A 172 22.69 45.80 6.48
CA TYR A 172 21.87 46.89 5.96
C TYR A 172 20.62 47.11 6.79
N SER A 173 20.08 46.04 7.40
CA SER A 173 18.96 46.24 8.32
C SER A 173 19.35 47.12 9.50
N GLY A 174 20.49 46.84 10.14
CA GLY A 174 20.96 47.69 11.21
C GLY A 174 21.26 49.09 10.74
N ARG A 175 21.84 49.21 9.54
CA ARG A 175 22.15 50.54 9.00
C ARG A 175 20.90 51.38 8.82
N VAL A 176 19.85 50.81 8.20
CA VAL A 176 18.63 51.57 8.00
C VAL A 176 17.96 51.86 9.34
N ILE A 177 18.07 50.93 10.30
CA ILE A 177 17.50 51.16 11.62
C ILE A 177 18.15 52.35 12.30
N ASP A 178 19.49 52.40 12.31
CA ASP A 178 20.15 53.50 13.02
C ASP A 178 19.99 54.81 12.27
N ILE A 179 20.01 54.78 10.93
CA ILE A 179 19.79 55.99 10.15
C ILE A 179 18.39 56.55 10.36
N LEU A 180 17.38 55.69 10.49
CA LEU A 180 16.04 56.14 10.82
C LEU A 180 15.95 56.70 12.23
N GLY A 181 16.74 56.15 13.16
CA GLY A 181 16.68 56.57 14.55
C GLY A 181 17.49 57.82 14.85
N GLY A 182 18.67 57.94 14.26
CA GLY A 182 19.54 59.08 14.50
C GLY A 182 19.14 60.29 13.68
N ASP A 183 20.15 61.07 13.28
CA ASP A 183 19.91 62.23 12.42
C ASP A 183 19.45 61.73 11.06
N PHE A 184 18.21 62.05 10.70
CA PHE A 184 17.61 61.50 9.49
C PHE A 184 18.28 62.06 8.25
N ASP A 185 18.37 61.22 7.22
CA ASP A 185 18.93 61.60 5.92
C ASP A 185 18.29 60.75 4.83
N PRO A 186 17.50 61.35 3.95
CA PRO A 186 16.81 60.55 2.91
C PRO A 186 17.74 59.80 1.98
N HIS A 187 18.91 60.36 1.65
CA HIS A 187 19.75 59.76 0.62
C HIS A 187 20.44 58.48 1.10
N ALA A 188 21.03 58.52 2.30
CA ALA A 188 21.66 57.32 2.84
C ALA A 188 20.63 56.24 3.15
N PHE A 189 19.40 56.66 3.44
CA PHE A 189 18.31 55.71 3.66
C PHE A 189 18.05 54.89 2.41
N ALA A 190 17.92 55.56 1.26
CA ALA A 190 17.55 54.89 0.02
C ALA A 190 18.62 53.89 -0.43
N SER A 191 19.89 54.28 -0.32
CA SER A 191 20.95 53.35 -0.72
C SER A 191 20.97 52.11 0.15
N ALA A 192 20.80 52.28 1.46
CA ALA A 192 20.78 51.14 2.37
C ALA A 192 19.63 50.19 2.04
N ILE A 193 18.42 50.75 1.87
CA ILE A 193 17.30 49.88 1.55
C ILE A 193 17.44 49.23 0.18
N PHE A 194 18.05 49.93 -0.79
CA PHE A 194 18.25 49.35 -2.11
C PHE A 194 19.22 48.17 -2.06
N PHE A 195 20.33 48.32 -1.33
CA PHE A 195 21.26 47.20 -1.20
C PHE A 195 20.62 46.05 -0.42
N MET A 196 19.81 46.36 0.59
CA MET A 196 19.08 45.32 1.30
C MET A 196 18.17 44.55 0.36
N CYS A 197 17.45 45.26 -0.52
CA CYS A 197 16.59 44.60 -1.49
C CYS A 197 17.38 43.74 -2.46
N LEU A 198 18.52 44.23 -2.93
CA LEU A 198 19.34 43.46 -3.86
C LEU A 198 19.81 42.16 -3.21
N PHE A 199 20.31 42.24 -1.97
CA PHE A 199 20.78 41.03 -1.31
C PHE A 199 19.62 40.10 -0.95
N SER A 200 18.43 40.65 -0.67
CA SER A 200 17.27 39.81 -0.43
C SER A 200 16.85 39.05 -1.68
N PHE A 201 16.92 39.68 -2.85
CA PHE A 201 16.73 38.92 -4.09
C PHE A 201 17.78 37.82 -4.22
N GLY A 202 19.05 38.17 -4.02
CA GLY A 202 20.12 37.22 -4.23
C GLY A 202 20.00 35.99 -3.34
N SER A 203 19.63 36.19 -2.08
CA SER A 203 19.49 35.06 -1.16
C SER A 203 18.23 34.24 -1.41
N SER A 204 17.10 34.92 -1.65
CA SER A 204 15.84 34.21 -1.80
C SER A 204 15.82 33.36 -3.08
N LEU A 205 16.36 33.88 -4.18
CA LEU A 205 16.41 33.09 -5.40
C LEU A 205 17.18 31.80 -5.18
N SER A 206 18.35 31.90 -4.54
CA SER A 206 19.19 30.73 -4.30
C SER A 206 18.54 29.77 -3.32
N ALA A 207 17.79 30.27 -2.34
CA ALA A 207 17.13 29.37 -1.40
C ALA A 207 16.04 28.57 -2.08
N GLY A 208 15.17 29.23 -2.85
CA GLY A 208 14.10 28.52 -3.52
C GLY A 208 14.70 27.62 -4.58
N CYS A 209 15.69 28.12 -5.30
CA CYS A 209 16.35 27.35 -6.34
C CYS A 209 17.16 26.15 -5.83
N ARG A 210 17.48 26.14 -4.54
CA ARG A 210 18.04 24.98 -3.88
C ARG A 210 17.02 23.97 -3.35
N GLY A 211 15.95 24.47 -2.72
CA GLY A 211 14.89 23.60 -2.28
C GLY A 211 14.29 22.78 -3.41
N GLY A 212 14.16 23.39 -4.59
CA GLY A 212 13.61 22.65 -5.73
C GLY A 212 14.42 21.42 -6.08
N CYS A 213 15.75 21.58 -6.19
CA CYS A 213 16.58 20.44 -6.56
C CYS A 213 16.69 19.40 -5.45
N PHE A 214 16.68 19.82 -4.18
CA PHE A 214 16.61 18.82 -3.12
C PHE A 214 15.31 18.01 -3.21
N THR A 215 14.19 18.68 -3.45
CA THR A 215 12.93 17.96 -3.58
C THR A 215 12.96 16.99 -4.76
N TYR A 216 13.54 17.40 -5.88
CA TYR A 216 13.60 16.52 -7.04
C TYR A 216 14.48 15.29 -6.78
N THR A 217 15.65 15.49 -6.16
CA THR A 217 16.51 14.33 -5.94
C THR A 217 15.91 13.37 -4.93
N MET A 218 15.09 13.87 -3.99
CA MET A 218 14.36 12.97 -3.11
C MET A 218 13.50 11.99 -3.91
N SER A 219 12.70 12.51 -4.85
CA SER A 219 11.81 11.66 -5.63
C SER A 219 12.60 10.71 -6.53
N ARG A 220 13.71 11.19 -7.10
CA ARG A 220 14.54 10.29 -7.89
C ARG A 220 15.03 9.11 -7.07
N ILE A 221 15.49 9.38 -5.84
CA ILE A 221 15.97 8.31 -4.98
C ILE A 221 14.84 7.32 -4.67
N ASN A 222 13.66 7.86 -4.36
CA ASN A 222 12.53 7.00 -4.03
C ASN A 222 12.16 6.08 -5.19
N LEU A 223 12.09 6.65 -6.40
CA LEU A 223 11.74 5.83 -7.56
C LEU A 223 12.80 4.78 -7.85
N ARG A 224 14.09 5.12 -7.74
CA ARG A 224 15.12 4.11 -7.96
C ARG A 224 15.03 2.99 -6.95
N ILE A 225 14.79 3.33 -5.67
CA ILE A 225 14.69 2.30 -4.65
C ILE A 225 13.53 1.37 -4.93
N ARG A 226 12.36 1.93 -5.28
CA ARG A 226 11.21 1.09 -5.57
C ARG A 226 11.45 0.19 -6.77
N GLU A 227 12.04 0.74 -7.84
CA GLU A 227 12.28 -0.05 -9.04
C GLU A 227 13.24 -1.20 -8.75
N GLN A 228 14.32 -0.93 -8.02
CA GLN A 228 15.27 -1.99 -7.71
C GLN A 228 14.68 -3.03 -6.79
N LEU A 229 13.85 -2.63 -5.82
CA LEU A 229 13.19 -3.59 -4.95
C LEU A 229 12.29 -4.52 -5.75
N PHE A 230 11.47 -3.95 -6.64
CA PHE A 230 10.58 -4.80 -7.44
C PHE A 230 11.37 -5.70 -8.37
N SER A 231 12.44 -5.19 -8.98
CA SER A 231 13.27 -6.04 -9.85
C SER A 231 13.96 -7.15 -9.08
N SER A 232 14.25 -6.94 -7.80
CA SER A 232 14.86 -7.98 -6.98
C SER A 232 13.85 -8.99 -6.46
N LEU A 233 12.60 -8.59 -6.23
CA LEU A 233 11.61 -9.54 -5.73
C LEU A 233 11.30 -10.62 -6.76
N LEU A 234 11.24 -10.27 -8.05
CA LEU A 234 10.91 -11.24 -9.07
C LEU A 234 11.99 -12.30 -9.24
N ARG A 235 13.23 -12.00 -8.82
CA ARG A 235 14.34 -12.92 -9.00
C ARG A 235 14.36 -14.04 -7.97
N GLN A 236 13.51 -13.97 -6.93
CA GLN A 236 13.54 -14.93 -5.85
C GLN A 236 12.96 -16.27 -6.29
N ASP A 237 13.33 -17.32 -5.55
CA ASP A 237 12.78 -18.64 -5.78
C ASP A 237 11.35 -18.74 -5.27
N LEU A 238 10.63 -19.74 -5.76
CA LEU A 238 9.21 -19.89 -5.44
C LEU A 238 8.97 -20.23 -3.97
N GLY A 239 9.97 -20.75 -3.26
CA GLY A 239 9.80 -21.03 -1.84
C GLY A 239 9.60 -19.77 -1.03
N PHE A 240 10.24 -18.67 -1.43
CA PHE A 240 10.12 -17.41 -0.71
C PHE A 240 8.69 -16.90 -0.68
N PHE A 241 7.91 -17.17 -1.73
CA PHE A 241 6.56 -16.62 -1.83
C PHE A 241 5.54 -17.42 -1.03
N GLN A 242 5.90 -18.58 -0.48
CA GLN A 242 5.05 -19.28 0.45
C GLN A 242 5.29 -18.84 1.89
N GLU A 243 6.52 -18.44 2.20
CA GLU A 243 6.86 -18.01 3.55
C GLU A 243 6.35 -16.61 3.87
N THR A 244 6.06 -15.79 2.86
CA THR A 244 5.65 -14.41 3.06
C THR A 244 4.36 -14.12 2.33
N LYS A 245 3.53 -13.27 2.92
CA LYS A 245 2.29 -12.85 2.29
C LYS A 245 2.55 -11.74 1.28
N THR A 246 1.87 -11.81 0.14
CA THR A 246 2.04 -10.82 -0.91
C THR A 246 1.52 -9.44 -0.54
N GLY A 247 0.43 -9.37 0.23
CA GLY A 247 -0.06 -8.07 0.67
C GLY A 247 0.96 -7.35 1.53
N GLU A 248 1.64 -8.07 2.42
CA GLU A 248 2.69 -7.46 3.21
C GLU A 248 3.85 -7.01 2.33
N LEU A 249 4.18 -7.79 1.30
CA LEU A 249 5.23 -7.39 0.37
C LEU A 249 4.87 -6.07 -0.31
N ASN A 250 3.64 -5.96 -0.80
CA ASN A 250 3.23 -4.73 -1.47
C ASN A 250 3.20 -3.55 -0.50
N SER A 251 2.68 -3.77 0.72
CA SER A 251 2.64 -2.70 1.70
C SER A 251 4.03 -2.22 2.09
N ARG A 252 4.99 -3.14 2.22
CA ARG A 252 6.37 -2.76 2.46
C ARG A 252 6.94 -1.97 1.29
N LEU A 253 6.78 -2.47 0.07
CA LEU A 253 7.28 -1.76 -1.11
C LEU A 253 6.66 -0.37 -1.22
N SER A 254 5.45 -0.19 -0.70
CA SER A 254 4.81 1.13 -0.77
C SER A 254 5.31 2.06 0.33
N SER A 255 5.37 1.57 1.58
CA SER A 255 5.53 2.46 2.71
C SER A 255 7.00 2.64 3.08
N ASP A 256 7.79 1.57 3.06
CA ASP A 256 9.14 1.64 3.60
C ASP A 256 10.05 2.50 2.74
N THR A 257 9.85 2.52 1.42
CA THR A 257 10.65 3.40 0.58
C THR A 257 10.36 4.87 0.87
N THR A 258 9.09 5.22 1.07
CA THR A 258 8.76 6.59 1.46
C THR A 258 9.36 6.93 2.81
N LEU A 259 9.30 6.00 3.77
CA LEU A 259 9.94 6.23 5.06
C LEU A 259 11.45 6.42 4.90
N MET A 260 12.06 5.69 3.97
CA MET A 260 13.48 5.81 3.68
C MET A 260 13.85 7.16 3.08
N SER A 261 13.03 7.71 2.20
CA SER A 261 13.46 8.86 1.41
C SER A 261 12.74 10.17 1.66
N ASN A 262 11.71 10.23 2.52
CA ASN A 262 10.94 11.46 2.66
C ASN A 262 11.64 12.52 3.51
N TRP A 263 12.66 12.17 4.28
CA TRP A 263 13.29 13.12 5.17
C TRP A 263 14.30 14.03 4.48
N LEU A 264 14.69 13.69 3.24
CA LEU A 264 15.78 14.40 2.57
C LEU A 264 15.58 15.90 2.40
N PRO A 265 14.42 16.41 1.94
CA PRO A 265 14.33 17.84 1.64
C PRO A 265 14.42 18.75 2.86
N LEU A 266 14.37 18.21 4.07
CA LEU A 266 14.48 19.08 5.25
C LEU A 266 15.59 18.66 6.20
N ASN A 267 15.86 17.35 6.33
CA ASN A 267 16.92 16.92 7.23
C ASN A 267 18.29 17.28 6.69
N ALA A 268 18.53 17.01 5.40
CA ALA A 268 19.83 17.33 4.81
C ALA A 268 20.08 18.83 4.78
N ASN A 269 19.05 19.62 4.45
CA ASN A 269 19.21 21.06 4.39
C ASN A 269 19.63 21.62 5.74
N VAL A 270 18.89 21.27 6.79
CA VAL A 270 19.18 21.79 8.12
C VAL A 270 20.54 21.31 8.60
N LEU A 271 20.85 20.02 8.38
CA LEU A 271 22.13 19.48 8.82
C LEU A 271 23.29 20.21 8.16
N LEU A 272 23.25 20.33 6.83
CA LEU A 272 24.34 21.00 6.12
C LEU A 272 24.45 22.46 6.50
N ARG A 273 23.31 23.16 6.62
CA ARG A 273 23.34 24.57 6.97
C ARG A 273 23.94 24.78 8.34
N SER A 274 23.53 23.97 9.32
CA SER A 274 24.10 24.07 10.66
C SER A 274 25.58 23.72 10.64
N LEU A 275 25.97 22.72 9.86
CA LEU A 275 27.38 22.33 9.81
C LEU A 275 28.26 23.44 9.25
N VAL A 276 27.82 24.14 8.21
CA VAL A 276 28.61 25.26 7.70
C VAL A 276 28.57 26.45 8.67
N LYS A 277 27.43 26.73 9.30
CA LYS A 277 27.35 27.92 10.15
C LYS A 277 28.12 27.74 11.46
N VAL A 278 28.19 26.52 11.97
CA VAL A 278 28.78 26.30 13.29
C VAL A 278 30.29 26.53 13.25
N VAL A 279 30.91 26.29 12.09
CA VAL A 279 32.36 26.47 11.98
C VAL A 279 32.74 27.92 12.20
N GLY A 280 31.92 28.86 11.70
CA GLY A 280 32.23 30.26 11.89
C GLY A 280 32.21 30.67 13.35
N LEU A 281 31.17 30.26 14.09
CA LEU A 281 31.12 30.58 15.51
C LEU A 281 32.19 29.94 16.37
N TYR A 282 32.64 28.74 15.99
CA TYR A 282 33.78 28.14 16.67
C TYR A 282 35.09 28.88 16.36
N GLY A 283 35.16 29.44 15.14
CA GLY A 283 36.36 30.17 14.75
C GLY A 283 36.49 31.45 15.54
N PHE A 284 35.38 31.94 16.10
CA PHE A 284 35.40 33.12 16.96
C PHE A 284 35.80 32.79 18.39
N MET A 285 36.47 31.65 18.57
CA MET A 285 37.14 31.34 19.82
C MET A 285 38.20 32.38 20.16
N LEU A 286 38.64 33.15 19.16
CA LEU A 286 39.63 34.20 19.37
C LEU A 286 39.17 35.28 20.34
N SER A 287 37.87 35.39 20.60
CA SER A 287 37.38 36.35 21.59
C SER A 287 37.99 36.07 22.95
N ILE A 288 37.70 34.89 23.52
CA ILE A 288 38.34 34.44 24.75
C ILE A 288 38.79 32.99 24.54
N SER A 289 40.09 32.80 24.30
CA SER A 289 40.60 31.50 23.89
C SER A 289 40.41 30.37 24.89
N PRO A 290 40.77 30.51 26.18
CA PRO A 290 40.87 29.31 27.04
C PRO A 290 39.56 28.85 27.65
N ARG A 291 38.42 29.32 27.15
CA ARG A 291 37.14 28.94 27.72
C ARG A 291 36.25 28.13 26.79
N LEU A 292 36.37 28.29 25.47
CA LEU A 292 35.59 27.45 24.58
C LEU A 292 36.08 26.01 24.58
N THR A 293 37.36 25.79 24.91
CA THR A 293 37.79 24.42 25.21
C THR A 293 37.08 23.90 26.46
N LEU A 294 36.88 24.77 27.45
CA LEU A 294 36.10 24.38 28.62
C LEU A 294 34.66 24.05 28.23
N LEU A 295 34.12 24.73 27.21
CA LEU A 295 32.83 24.34 26.66
C LEU A 295 32.87 22.96 26.06
N SER A 296 33.87 22.72 25.20
CA SER A 296 33.93 21.45 24.46
C SER A 296 34.09 20.27 25.40
N LEU A 297 34.89 20.42 26.46
CA LEU A 297 35.22 19.28 27.31
C LEU A 297 34.14 18.97 28.36
N LEU A 298 33.13 19.81 28.52
CA LEU A 298 32.03 19.52 29.44
C LEU A 298 30.66 19.62 28.78
N HIS A 299 30.61 19.80 27.47
CA HIS A 299 29.32 19.78 26.81
C HIS A 299 29.07 18.44 26.10
N MET A 300 30.10 17.84 25.51
CA MET A 300 29.90 16.63 24.71
C MET A 300 29.31 15.46 25.48
N PRO A 301 29.89 15.01 26.60
CA PRO A 301 29.54 13.66 27.10
C PRO A 301 28.08 13.70 27.50
N PHE A 302 27.59 14.82 28.03
CA PHE A 302 26.18 14.89 28.41
C PHE A 302 25.14 14.63 27.26
N THR A 303 25.30 15.43 26.22
CA THR A 303 24.55 15.20 24.99
C THR A 303 24.66 13.90 24.18
N ILE A 304 25.87 13.34 24.09
CA ILE A 304 26.09 12.17 23.26
C ILE A 304 25.39 10.95 23.85
N ALA A 305 25.51 10.75 25.17
CA ALA A 305 24.92 9.56 25.79
C ALA A 305 23.40 9.55 25.65
N ALA A 306 22.77 10.70 25.87
CA ALA A 306 21.32 10.78 25.75
C ALA A 306 20.87 10.47 24.33
N GLU A 307 21.61 10.95 23.34
CA GLU A 307 21.26 10.66 21.95
C GLU A 307 21.33 9.16 21.67
N LYS A 308 22.39 8.49 22.15
CA LYS A 308 22.50 7.05 21.93
C LYS A 308 21.35 6.31 22.61
N VAL A 309 21.06 6.66 23.87
CA VAL A 309 20.02 5.97 24.62
C VAL A 309 18.66 6.15 23.95
N TYR A 310 18.37 7.36 23.49
CA TYR A 310 17.09 7.60 22.81
C TYR A 310 17.03 6.86 21.48
N ASN A 311 18.12 6.92 20.70
CA ASN A 311 18.11 6.34 19.37
C ASN A 311 17.93 4.82 19.41
N THR A 312 18.54 4.17 20.41
CA THR A 312 18.43 2.72 20.51
C THR A 312 16.98 2.27 20.60
N ARG A 313 16.14 3.06 21.28
CA ARG A 313 14.72 2.72 21.38
C ARG A 313 13.91 3.26 20.21
N HIS A 314 14.30 4.41 19.67
CA HIS A 314 13.56 5.01 18.57
C HIS A 314 13.63 4.13 17.32
N GLN A 315 14.80 3.59 17.01
CA GLN A 315 14.91 2.71 15.85
C GLN A 315 14.05 1.47 16.01
N GLU A 316 14.06 0.88 17.21
CA GLU A 316 13.26 -0.32 17.46
C GLU A 316 11.78 -0.04 17.32
N VAL A 317 11.31 1.09 17.87
CA VAL A 317 9.89 1.39 17.78
C VAL A 317 9.49 1.67 16.34
N LEU A 318 10.35 2.32 15.56
CA LEU A 318 10.04 2.52 14.14
C LEU A 318 9.94 1.19 13.40
N ARG A 319 10.86 0.28 13.66
CA ARG A 319 10.82 -1.03 13.01
C ARG A 319 9.54 -1.77 13.36
N GLU A 320 9.13 -1.72 14.63
CA GLU A 320 7.89 -2.36 15.03
C GLU A 320 6.68 -1.70 14.38
N ILE A 321 6.69 -0.38 14.24
CA ILE A 321 5.59 0.29 13.54
C ILE A 321 5.48 -0.20 12.10
N GLN A 322 6.62 -0.34 11.43
CA GLN A 322 6.59 -0.84 10.06
C GLN A 322 6.06 -2.27 9.98
N ASP A 323 6.55 -3.15 10.85
CA ASP A 323 6.13 -4.54 10.78
C ASP A 323 4.69 -4.74 11.24
N ALA A 324 4.12 -3.76 11.93
CA ALA A 324 2.70 -3.79 12.24
C ALA A 324 1.85 -3.21 11.12
N VAL A 325 2.33 -2.17 10.44
CA VAL A 325 1.55 -1.58 9.36
C VAL A 325 1.46 -2.54 8.16
N ALA A 326 2.51 -3.31 7.93
CA ALA A 326 2.43 -4.32 6.87
C ALA A 326 1.37 -5.36 7.19
N ARG A 327 1.32 -5.82 8.44
CA ARG A 327 0.30 -6.77 8.86
C ARG A 327 -1.10 -6.18 8.75
N ALA A 328 -1.25 -4.89 9.03
CA ALA A 328 -2.53 -4.23 8.84
C ALA A 328 -2.94 -4.18 7.38
N GLY A 329 -1.99 -3.90 6.47
CA GLY A 329 -2.32 -3.84 5.05
C GLY A 329 -2.69 -5.20 4.48
N GLN A 330 -2.10 -6.27 5.01
CA GLN A 330 -2.46 -7.61 4.57
C GLN A 330 -3.95 -7.88 4.74
N VAL A 331 -4.56 -7.34 5.80
CA VAL A 331 -5.99 -7.55 6.02
C VAL A 331 -6.82 -6.93 4.91
N VAL A 332 -6.48 -5.71 4.50
CA VAL A 332 -7.19 -5.06 3.40
C VAL A 332 -6.96 -5.87 2.13
N ARG A 333 -5.74 -6.35 1.92
CA ARG A 333 -5.46 -7.16 0.74
C ARG A 333 -6.40 -8.36 0.68
N GLU A 334 -6.47 -9.13 1.78
CA GLU A 334 -7.34 -10.31 1.81
C GLU A 334 -8.81 -9.94 1.65
N ALA A 335 -9.26 -8.88 2.32
CA ALA A 335 -10.67 -8.54 2.31
C ALA A 335 -11.14 -8.11 0.91
N VAL A 336 -10.31 -7.34 0.20
CA VAL A 336 -10.74 -6.84 -1.10
C VAL A 336 -10.53 -7.88 -2.20
N GLY A 337 -9.46 -8.67 -2.10
CA GLY A 337 -9.17 -9.61 -3.16
C GLY A 337 -10.24 -10.68 -3.33
N GLY A 338 -10.67 -11.28 -2.23
CA GLY A 338 -11.64 -12.35 -2.26
C GLY A 338 -13.01 -11.91 -1.82
N LEU A 339 -13.43 -10.71 -2.26
CA LEU A 339 -14.61 -10.08 -1.71
C LEU A 339 -15.88 -10.86 -2.04
N GLN A 340 -15.92 -11.53 -3.19
CA GLN A 340 -17.12 -12.27 -3.55
C GLN A 340 -17.46 -13.34 -2.54
N THR A 341 -16.46 -14.07 -2.05
CA THR A 341 -16.70 -15.07 -1.02
C THR A 341 -17.18 -14.43 0.28
N VAL A 342 -16.59 -13.29 0.65
CA VAL A 342 -16.99 -12.59 1.86
C VAL A 342 -18.45 -12.17 1.78
N ARG A 343 -18.86 -11.62 0.64
CA ARG A 343 -20.25 -11.21 0.47
C ARG A 343 -21.17 -12.42 0.43
N SER A 344 -20.73 -13.52 -0.17
CA SER A 344 -21.53 -14.74 -0.15
C SER A 344 -21.75 -15.24 1.26
N PHE A 345 -20.76 -15.07 2.14
CA PHE A 345 -20.90 -15.44 3.54
C PHE A 345 -21.25 -14.26 4.44
N GLY A 346 -21.40 -13.07 3.87
CA GLY A 346 -21.87 -11.92 4.63
C GLY A 346 -21.01 -11.53 5.80
N ALA A 347 -19.69 -11.54 5.64
CA ALA A 347 -18.78 -11.25 6.73
C ALA A 347 -18.03 -9.93 6.56
N GLU A 348 -18.68 -8.91 5.99
CA GLU A 348 -18.01 -7.63 5.81
C GLU A 348 -17.65 -6.99 7.16
N GLU A 349 -18.60 -7.00 8.09
CA GLU A 349 -18.35 -6.40 9.41
C GLU A 349 -17.25 -7.11 10.18
N HIS A 350 -17.10 -8.42 9.98
CA HIS A 350 -16.00 -9.14 10.63
C HIS A 350 -14.65 -8.62 10.13
N GLU A 351 -14.52 -8.42 8.82
CA GLU A 351 -13.29 -7.87 8.27
C GLU A 351 -13.06 -6.43 8.73
N VAL A 352 -14.14 -5.65 8.83
CA VAL A 352 -14.01 -4.28 9.34
C VAL A 352 -13.47 -4.30 10.77
N CYS A 353 -14.01 -5.20 11.60
CA CYS A 353 -13.54 -5.29 12.97
C CYS A 353 -12.07 -5.72 13.04
N ARG A 354 -11.68 -6.68 12.19
CA ARG A 354 -10.28 -7.10 12.16
C ARG A 354 -9.36 -5.94 11.79
N TYR A 355 -9.73 -5.18 10.76
CA TYR A 355 -8.92 -4.04 10.35
C TYR A 355 -8.85 -2.98 11.45
N LYS A 356 -9.96 -2.74 12.14
CA LYS A 356 -9.95 -1.77 13.23
C LYS A 356 -9.04 -2.22 14.36
N GLU A 357 -9.03 -3.53 14.66
CA GLU A 357 -8.11 -4.05 15.65
C GLU A 357 -6.66 -3.81 15.24
N ALA A 358 -6.33 -4.08 13.98
CA ALA A 358 -4.97 -3.85 13.52
C ALA A 358 -4.60 -2.37 13.59
N LEU A 359 -5.54 -1.49 13.24
CA LEU A 359 -5.28 -0.06 13.32
C LEU A 359 -5.05 0.39 14.74
N GLU A 360 -5.80 -0.17 15.70
CA GLU A 360 -5.54 0.14 17.11
C GLU A 360 -4.14 -0.32 17.54
N GLN A 361 -3.74 -1.51 17.09
CA GLN A 361 -2.38 -1.98 17.40
C GLN A 361 -1.33 -1.02 16.85
N CYS A 362 -1.54 -0.48 15.65
CA CYS A 362 -0.60 0.49 15.10
C CYS A 362 -0.65 1.82 15.87
N ARG A 363 -1.85 2.24 16.28
CA ARG A 363 -2.00 3.51 16.99
C ARG A 363 -1.25 3.50 18.31
N GLN A 364 -1.26 2.36 19.01
CA GLN A 364 -0.52 2.28 20.28
C GLN A 364 0.97 2.55 20.06
N LEU A 365 1.55 1.95 19.02
CA LEU A 365 2.96 2.18 18.72
C LEU A 365 3.22 3.64 18.33
N TYR A 366 2.32 4.22 17.54
CA TYR A 366 2.46 5.63 17.20
C TYR A 366 2.51 6.50 18.45
N TRP A 367 1.59 6.27 19.38
CA TRP A 367 1.55 7.06 20.60
C TRP A 367 2.82 6.87 21.43
N ARG A 368 3.31 5.63 21.54
CA ARG A 368 4.53 5.38 22.29
C ARG A 368 5.70 6.16 21.70
N ARG A 369 5.85 6.11 20.37
CA ARG A 369 6.96 6.82 19.73
C ARG A 369 6.86 8.32 19.97
N ASP A 370 5.67 8.90 19.80
CA ASP A 370 5.51 10.32 20.01
C ASP A 370 5.80 10.74 21.45
N LEU A 371 5.31 9.97 22.43
CA LEU A 371 5.55 10.31 23.83
C LEU A 371 7.03 10.27 24.17
N GLU A 372 7.73 9.24 23.70
CA GLU A 372 9.16 9.15 23.99
C GLU A 372 9.94 10.27 23.32
N ARG A 373 9.55 10.67 22.10
CA ARG A 373 10.21 11.79 21.44
C ARG A 373 10.00 13.08 22.23
N ALA A 374 8.78 13.30 22.73
CA ALA A 374 8.51 14.50 23.52
C ALA A 374 9.35 14.51 24.81
N LEU A 375 9.46 13.36 25.47
CA LEU A 375 10.27 13.27 26.67
C LEU A 375 11.74 13.60 26.38
N TYR A 376 12.26 13.07 25.26
CA TYR A 376 13.63 13.39 24.89
C TYR A 376 13.80 14.89 24.63
N LEU A 377 12.84 15.51 23.96
CA LEU A 377 12.92 16.95 23.72
C LEU A 377 12.96 17.72 25.03
N LEU A 378 12.12 17.33 25.99
CA LEU A 378 12.11 18.01 27.28
C LEU A 378 13.47 17.90 27.97
N VAL A 379 14.03 16.69 28.00
CA VAL A 379 15.30 16.52 28.70
C VAL A 379 16.41 17.29 28.00
N ARG A 380 16.38 17.35 26.66
CA ARG A 380 17.37 18.12 25.92
C ARG A 380 17.29 19.60 26.26
N ARG A 381 16.07 20.14 26.29
CA ARG A 381 15.90 21.56 26.63
C ARG A 381 16.42 21.85 28.03
N VAL A 382 16.09 20.97 28.98
CA VAL A 382 16.52 21.18 30.37
C VAL A 382 18.04 21.17 30.46
N LEU A 383 18.68 20.21 29.80
CA LEU A 383 20.14 20.12 29.83
C LEU A 383 20.78 21.37 29.24
N HIS A 384 20.26 21.85 28.11
CA HIS A 384 20.82 23.04 27.48
C HIS A 384 20.68 24.25 28.40
N LEU A 385 19.50 24.42 29.01
CA LEU A 385 19.31 25.54 29.91
C LEU A 385 20.27 25.47 31.10
N GLY A 386 20.45 24.27 31.67
CA GLY A 386 21.34 24.15 32.81
C GLY A 386 22.78 24.48 32.47
N VAL A 387 23.27 23.96 31.34
CA VAL A 387 24.65 24.23 30.99
C VAL A 387 24.85 25.71 30.67
N GLN A 388 23.87 26.35 30.02
CA GLN A 388 24.01 27.78 29.76
C GLN A 388 24.01 28.59 31.05
N MET A 389 23.16 28.24 32.01
CA MET A 389 23.17 28.94 33.29
C MET A 389 24.52 28.79 33.99
N LEU A 390 25.08 27.58 33.98
CA LEU A 390 26.36 27.34 34.63
C LEU A 390 27.46 28.17 33.96
N MET A 391 27.46 28.23 32.63
CA MET A 391 28.50 29.00 31.96
C MET A 391 28.31 30.50 32.15
N LEU A 392 27.06 30.97 32.27
CA LEU A 392 26.85 32.38 32.59
C LEU A 392 27.44 32.70 33.96
N SER A 393 27.22 31.82 34.94
CA SER A 393 27.79 32.02 36.26
C SER A 393 29.32 32.04 36.21
N CYS A 394 29.90 31.10 35.45
CA CYS A 394 31.36 31.06 35.33
C CYS A 394 31.90 32.30 34.64
N GLY A 395 31.23 32.78 33.59
CA GLY A 395 31.68 33.98 32.92
C GLY A 395 31.64 35.20 33.84
N LEU A 396 30.60 35.29 34.67
CA LEU A 396 30.59 36.35 35.68
C LEU A 396 31.73 36.19 36.66
N GLN A 397 32.03 34.96 37.08
CA GLN A 397 33.14 34.72 37.98
C GLN A 397 34.50 35.01 37.36
N GLN A 398 34.58 35.04 36.03
CA GLN A 398 35.85 35.32 35.36
C GLN A 398 36.22 36.81 35.37
N MET A 399 35.24 37.71 35.43
CA MET A 399 35.49 39.12 35.15
C MET A 399 36.20 39.86 36.28
N GLN A 400 36.30 39.26 37.47
CA GLN A 400 36.93 39.98 38.59
C GLN A 400 38.43 40.19 38.37
N ASP A 401 39.14 39.19 37.84
CA ASP A 401 40.57 39.33 37.61
C ASP A 401 41.05 38.84 36.26
N GLY A 402 40.23 38.13 35.48
CA GLY A 402 40.66 37.61 34.20
C GLY A 402 40.72 38.67 33.13
N GLU A 403 41.20 38.24 31.96
CA GLU A 403 41.32 39.11 30.79
C GLU A 403 39.96 39.25 30.09
N LEU A 404 38.99 39.76 30.84
CA LEU A 404 37.63 39.90 30.34
C LEU A 404 37.06 41.24 30.77
N THR A 405 36.17 41.77 29.95
CA THR A 405 35.50 43.03 30.23
C THR A 405 34.02 42.88 29.92
N GLN A 406 33.24 43.90 30.28
CA GLN A 406 31.80 43.86 30.01
C GLN A 406 31.52 43.78 28.52
N GLY A 407 32.26 44.55 27.71
CA GLY A 407 32.03 44.51 26.27
C GLY A 407 32.33 43.15 25.67
N SER A 408 33.39 42.50 26.14
CA SER A 408 33.76 41.20 25.60
C SER A 408 32.82 40.09 26.06
N LEU A 409 32.26 40.20 27.27
CA LEU A 409 31.50 39.08 27.84
C LEU A 409 30.23 38.81 27.07
N LEU A 410 29.41 39.84 26.83
CA LEU A 410 28.23 39.64 26.01
C LEU A 410 28.61 39.30 24.57
N SER A 411 29.77 39.79 24.12
CA SER A 411 30.28 39.40 22.82
C SER A 411 30.55 37.90 22.76
N PHE A 412 31.12 37.35 23.83
CA PHE A 412 31.44 35.93 23.86
C PHE A 412 30.17 35.08 24.01
N MET A 413 29.21 35.56 24.81
CA MET A 413 28.03 34.76 25.12
C MET A 413 27.23 34.43 23.87
N ILE A 414 27.15 35.36 22.93
CA ILE A 414 26.40 35.13 21.70
C ILE A 414 26.97 33.92 20.95
N TYR A 415 28.29 33.91 20.79
CA TYR A 415 28.93 32.84 20.03
C TYR A 415 28.77 31.50 20.73
N GLN A 416 28.88 31.49 22.06
CA GLN A 416 28.69 30.25 22.82
C GLN A 416 27.27 29.72 22.68
N GLU A 417 26.28 30.60 22.82
CA GLU A 417 24.89 30.18 22.66
C GLU A 417 24.64 29.63 21.27
N SER A 418 25.15 30.33 20.25
CA SER A 418 24.94 29.89 18.87
C SER A 418 25.58 28.53 18.64
N VAL A 419 26.82 28.33 19.11
CA VAL A 419 27.49 27.07 18.88
C VAL A 419 26.79 25.94 19.62
N GLY A 420 26.29 26.21 20.83
CA GLY A 420 25.55 25.18 21.56
C GLY A 420 24.27 24.79 20.84
N SER A 421 23.51 25.78 20.38
CA SER A 421 22.27 25.47 19.67
C SER A 421 22.56 24.70 18.38
N TYR A 422 23.59 25.12 17.63
CA TYR A 422 23.90 24.45 16.38
C TYR A 422 24.34 23.01 16.61
N VAL A 423 25.17 22.76 17.62
CA VAL A 423 25.64 21.40 17.86
C VAL A 423 24.50 20.52 18.37
N GLN A 424 23.63 21.07 19.21
CA GLN A 424 22.51 20.28 19.72
C GLN A 424 21.44 20.02 18.67
N THR A 425 21.36 20.86 17.63
CA THR A 425 20.50 20.55 16.50
C THR A 425 21.15 19.54 15.56
N LEU A 426 22.47 19.67 15.34
CA LEU A 426 23.18 18.77 14.44
C LEU A 426 23.15 17.34 14.95
N VAL A 427 23.39 17.15 16.25
CA VAL A 427 23.38 15.80 16.81
C VAL A 427 22.00 15.16 16.64
N TYR A 428 20.95 15.91 16.94
CA TYR A 428 19.59 15.39 16.81
C TYR A 428 19.27 15.02 15.37
N ILE A 429 19.63 15.90 14.43
CA ILE A 429 19.33 15.64 13.02
C ILE A 429 20.09 14.42 12.54
N TYR A 430 21.36 14.30 12.90
CA TYR A 430 22.15 13.14 12.49
C TYR A 430 21.58 11.85 13.06
N GLY A 431 21.16 11.87 14.33
CA GLY A 431 20.57 10.68 14.92
C GLY A 431 19.27 10.29 14.26
N ASP A 432 18.40 11.27 13.97
CA ASP A 432 17.14 10.98 13.31
C ASP A 432 17.38 10.43 11.90
N MET A 433 18.34 11.00 11.19
CA MET A 433 18.64 10.51 9.84
C MET A 433 19.17 9.09 9.89
N LEU A 434 20.02 8.77 10.88
CA LEU A 434 20.45 7.38 11.04
C LEU A 434 19.36 6.36 11.27
N SER A 435 18.44 6.65 12.20
CA SER A 435 17.41 5.67 12.55
C SER A 435 16.30 5.52 11.50
N ASN A 436 16.08 6.59 10.72
CA ASN A 436 15.07 6.53 9.67
C ASN A 436 15.54 5.45 8.71
N VAL A 437 16.82 5.47 8.34
CA VAL A 437 17.36 4.43 7.47
C VAL A 437 17.44 3.10 8.21
N GLY A 438 17.84 3.12 9.48
CA GLY A 438 17.92 1.90 10.24
C GLY A 438 16.60 1.27 10.61
N ALA A 439 15.49 1.94 10.31
CA ALA A 439 14.17 1.38 10.56
C ALA A 439 13.71 0.42 9.48
N ALA A 440 13.88 0.78 8.21
CA ALA A 440 13.45 -0.09 7.11
C ALA A 440 14.58 -1.00 6.66
N GLU A 441 15.01 -1.91 7.54
CA GLU A 441 16.10 -2.82 7.19
C GLU A 441 15.62 -3.97 6.29
N LYS A 442 14.36 -4.38 6.44
CA LYS A 442 13.88 -5.54 5.68
C LYS A 442 13.85 -5.27 4.19
N VAL A 443 13.71 -4.00 3.78
CA VAL A 443 13.81 -3.68 2.36
C VAL A 443 15.20 -4.00 1.84
N PHE A 444 16.23 -3.62 2.60
CA PHE A 444 17.59 -3.99 2.23
C PHE A 444 17.78 -5.50 2.24
N SER A 445 17.18 -6.18 3.21
CA SER A 445 17.29 -7.63 3.27
C SER A 445 16.69 -8.29 2.04
N TYR A 446 15.52 -7.82 1.60
CA TYR A 446 14.90 -8.33 0.38
C TYR A 446 15.72 -7.99 -0.85
N MET A 447 16.30 -6.78 -0.88
CA MET A 447 16.97 -6.30 -2.08
C MET A 447 18.18 -7.16 -2.43
N ASP A 448 18.97 -7.55 -1.43
CA ASP A 448 20.20 -8.28 -1.66
C ASP A 448 20.08 -9.76 -1.30
N ARG A 449 18.87 -10.28 -1.12
CA ARG A 449 18.70 -11.69 -0.83
C ARG A 449 19.02 -12.53 -2.06
N GLN A 450 19.87 -13.54 -1.87
CA GLN A 450 20.24 -14.43 -2.96
C GLN A 450 19.31 -15.63 -2.99
N PRO A 451 18.58 -15.86 -4.07
CA PRO A 451 17.60 -16.95 -4.10
C PRO A 451 18.26 -18.32 -4.07
N ASN A 452 17.53 -19.30 -3.54
CA ASN A 452 17.99 -20.68 -3.47
C ASN A 452 17.71 -21.33 -4.84
N LEU A 453 18.52 -20.97 -5.81
CA LEU A 453 18.39 -21.45 -7.17
C LEU A 453 19.76 -21.81 -7.72
N PRO A 454 19.81 -22.73 -8.69
CA PRO A 454 21.10 -23.01 -9.35
C PRO A 454 21.51 -21.86 -10.25
N SER A 455 22.78 -21.89 -10.66
CA SER A 455 23.29 -20.86 -11.55
C SER A 455 22.56 -20.92 -12.88
N PRO A 456 22.33 -19.76 -13.52
CA PRO A 456 21.54 -19.73 -14.75
C PRO A 456 22.18 -20.57 -15.85
N GLY A 457 21.34 -21.25 -16.62
CA GLY A 457 21.81 -22.08 -17.71
C GLY A 457 22.22 -21.27 -18.92
N THR A 458 22.87 -21.96 -19.87
CA THR A 458 23.36 -21.32 -21.07
C THR A 458 22.95 -22.11 -22.31
N LEU A 459 22.74 -23.41 -22.15
CA LEU A 459 22.49 -24.29 -23.28
C LEU A 459 21.23 -23.88 -24.02
N ALA A 460 21.30 -23.88 -25.35
CA ALA A 460 20.17 -23.55 -26.21
C ALA A 460 20.41 -24.08 -27.62
N PRO A 461 20.27 -25.39 -27.84
CA PRO A 461 20.48 -25.92 -29.19
C PRO A 461 19.39 -25.49 -30.15
N THR A 462 19.74 -25.45 -31.44
CA THR A 462 18.78 -25.05 -32.45
C THR A 462 17.70 -26.10 -32.70
N THR A 463 17.96 -27.36 -32.34
CA THR A 463 17.00 -28.43 -32.49
C THR A 463 16.91 -29.21 -31.19
N LEU A 464 15.70 -29.53 -30.77
CA LEU A 464 15.44 -30.19 -29.50
C LEU A 464 14.61 -31.44 -29.78
N GLN A 465 15.13 -32.60 -29.38
CA GLN A 465 14.49 -33.86 -29.70
C GLN A 465 13.18 -34.07 -28.94
N GLY A 466 13.08 -33.57 -27.72
CA GLY A 466 11.89 -33.77 -26.91
C GLY A 466 11.94 -34.94 -25.96
N VAL A 467 13.06 -35.67 -25.91
CA VAL A 467 13.17 -36.81 -25.02
C VAL A 467 13.46 -36.33 -23.60
N VAL A 468 12.60 -36.72 -22.66
CA VAL A 468 12.77 -36.40 -21.25
C VAL A 468 12.64 -37.68 -20.44
N LYS A 469 13.42 -37.78 -19.38
CA LYS A 469 13.40 -38.98 -18.55
C LYS A 469 13.81 -38.62 -17.12
N PHE A 470 13.23 -39.33 -16.16
CA PHE A 470 13.61 -39.21 -14.76
C PHE A 470 14.60 -40.31 -14.42
N GLN A 471 15.39 -40.07 -13.36
CA GLN A 471 16.39 -41.05 -12.90
C GLN A 471 16.39 -41.04 -11.38
N ASP A 472 15.59 -41.92 -10.77
CA ASP A 472 15.51 -42.08 -9.32
C ASP A 472 15.22 -40.75 -8.64
N VAL A 473 14.27 -40.01 -9.19
CA VAL A 473 13.96 -38.67 -8.69
C VAL A 473 13.18 -38.77 -7.39
N SER A 474 13.66 -38.08 -6.36
CA SER A 474 12.95 -37.95 -5.10
C SER A 474 12.94 -36.49 -4.70
N PHE A 475 11.80 -36.04 -4.16
CA PHE A 475 11.62 -34.62 -3.88
C PHE A 475 10.88 -34.41 -2.57
N ALA A 476 11.28 -33.37 -1.84
CA ALA A 476 10.58 -32.91 -0.65
C ALA A 476 10.55 -31.39 -0.70
N TYR A 477 9.38 -30.82 -0.42
CA TYR A 477 9.20 -29.38 -0.59
C TYR A 477 10.10 -28.61 0.37
N PRO A 478 10.85 -27.62 -0.11
CA PRO A 478 11.81 -26.94 0.76
C PRO A 478 11.19 -26.20 1.94
N ASN A 479 9.96 -25.70 1.82
CA ASN A 479 9.35 -24.96 2.91
C ASN A 479 8.98 -25.85 4.09
N ARG A 480 8.61 -27.10 3.85
CA ARG A 480 8.39 -28.08 4.92
C ARG A 480 9.15 -29.35 4.57
N PRO A 481 10.47 -29.37 4.77
CA PRO A 481 11.27 -30.55 4.42
C PRO A 481 11.02 -31.71 5.36
N ASP A 482 11.77 -32.80 5.16
CA ASP A 482 11.62 -34.03 5.95
C ASP A 482 10.20 -34.58 5.84
N ARG A 483 9.63 -34.49 4.64
CA ARG A 483 8.30 -35.03 4.36
C ARG A 483 8.24 -35.40 2.88
N PRO A 484 8.78 -36.57 2.53
CA PRO A 484 8.96 -36.90 1.11
C PRO A 484 7.62 -37.03 0.38
N VAL A 485 7.47 -36.23 -0.68
CA VAL A 485 6.29 -36.32 -1.53
C VAL A 485 6.49 -37.36 -2.63
N LEU A 486 7.68 -37.38 -3.23
CA LEU A 486 8.05 -38.37 -4.23
C LEU A 486 9.13 -39.28 -3.65
N LYS A 487 8.86 -40.57 -3.62
CA LYS A 487 9.83 -41.54 -3.11
C LYS A 487 10.87 -41.92 -4.14
N GLY A 488 10.44 -42.25 -5.36
CA GLY A 488 11.36 -42.52 -6.45
C GLY A 488 10.65 -42.77 -7.76
N LEU A 489 11.06 -42.08 -8.81
CA LEU A 489 10.43 -42.18 -10.12
C LEU A 489 11.49 -42.38 -11.20
N THR A 490 11.17 -43.23 -12.18
CA THR A 490 12.12 -43.52 -13.26
C THR A 490 11.46 -43.53 -14.64
N PHE A 491 10.33 -42.86 -14.82
CA PHE A 491 9.63 -42.91 -16.10
C PHE A 491 10.39 -42.12 -17.17
N THR A 492 10.15 -42.48 -18.42
CA THR A 492 10.72 -41.80 -19.57
C THR A 492 9.61 -41.49 -20.57
N LEU A 493 9.82 -40.43 -21.35
CA LEU A 493 8.85 -40.01 -22.35
C LEU A 493 9.61 -39.87 -23.66
N ARG A 494 8.90 -40.03 -24.77
CA ARG A 494 9.44 -39.90 -26.11
C ARG A 494 8.40 -39.22 -26.97
N PRO A 495 8.82 -38.55 -28.08
CA PRO A 495 7.89 -37.79 -28.92
C PRO A 495 6.86 -38.65 -29.66
N GLY A 496 5.63 -38.14 -29.79
CA GLY A 496 4.58 -38.83 -30.52
C GLY A 496 3.88 -39.92 -29.75
N GLU A 497 4.25 -40.17 -28.50
CA GLU A 497 3.68 -41.22 -27.67
C GLU A 497 3.08 -40.56 -26.43
N VAL A 498 1.76 -40.36 -26.45
CA VAL A 498 1.09 -39.68 -25.35
C VAL A 498 1.19 -40.53 -24.10
N THR A 499 1.60 -39.90 -23.00
CA THR A 499 1.72 -40.57 -21.71
C THR A 499 0.73 -39.96 -20.73
N ALA A 500 -0.04 -40.82 -20.05
CA ALA A 500 -1.02 -40.39 -19.07
C ALA A 500 -0.56 -40.71 -17.67
N LEU A 501 -0.66 -39.73 -16.77
CA LEU A 501 -0.31 -39.89 -15.37
C LEU A 501 -1.57 -39.71 -14.55
N VAL A 502 -1.93 -40.73 -13.77
CA VAL A 502 -3.15 -40.74 -12.99
C VAL A 502 -2.81 -41.06 -11.53
N GLY A 503 -3.69 -40.61 -10.63
CA GLY A 503 -3.50 -40.84 -9.22
C GLY A 503 -4.54 -40.12 -8.38
N PRO A 504 -4.66 -40.53 -7.12
CA PRO A 504 -5.64 -39.87 -6.23
C PRO A 504 -5.22 -38.44 -5.92
N ASN A 505 -6.11 -37.75 -5.20
CA ASN A 505 -5.81 -36.39 -4.76
C ASN A 505 -4.60 -36.38 -3.83
N GLY A 506 -3.69 -35.45 -4.09
CA GLY A 506 -2.49 -35.37 -3.29
C GLY A 506 -1.46 -36.45 -3.55
N SER A 507 -1.58 -37.16 -4.67
CA SER A 507 -0.63 -38.22 -4.98
C SER A 507 0.74 -37.66 -5.33
N GLY A 508 0.79 -36.55 -6.05
CA GLY A 508 2.05 -35.98 -6.46
C GLY A 508 2.20 -35.78 -7.95
N LYS A 509 1.09 -35.66 -8.65
CA LYS A 509 1.13 -35.39 -10.09
C LYS A 509 1.56 -33.95 -10.37
N SER A 510 0.97 -33.00 -9.63
CA SER A 510 1.30 -31.59 -9.86
C SER A 510 2.75 -31.29 -9.51
N THR A 511 3.30 -31.95 -8.49
CA THR A 511 4.71 -31.73 -8.18
C THR A 511 5.62 -32.32 -9.25
N VAL A 512 5.21 -33.41 -9.89
CA VAL A 512 5.97 -33.93 -11.02
C VAL A 512 5.93 -32.94 -12.18
N ALA A 513 4.76 -32.36 -12.44
CA ALA A 513 4.67 -31.35 -13.49
C ALA A 513 5.55 -30.15 -13.17
N ALA A 514 5.57 -29.72 -11.91
CA ALA A 514 6.41 -28.60 -11.51
C ALA A 514 7.89 -28.93 -11.68
N LEU A 515 8.29 -30.15 -11.31
CA LEU A 515 9.69 -30.55 -11.47
C LEU A 515 10.08 -30.60 -12.94
N LEU A 516 9.14 -30.99 -13.82
CA LEU A 516 9.44 -31.01 -15.25
C LEU A 516 9.74 -29.62 -15.77
N GLN A 517 9.14 -28.59 -15.17
CA GLN A 517 9.28 -27.21 -15.64
C GLN A 517 10.40 -26.46 -14.94
N ASN A 518 11.24 -27.15 -14.17
CA ASN A 518 12.37 -26.56 -13.46
C ASN A 518 11.92 -25.53 -12.41
N LEU A 519 10.68 -25.66 -11.91
CA LEU A 519 10.23 -24.77 -10.85
C LEU A 519 10.85 -25.14 -9.51
N TYR A 520 11.11 -26.42 -9.28
CA TYR A 520 11.75 -26.88 -8.06
C TYR A 520 12.88 -27.83 -8.42
N GLN A 521 13.91 -27.85 -7.57
CA GLN A 521 15.02 -28.74 -7.87
C GLN A 521 14.85 -30.05 -7.10
N PRO A 522 15.11 -31.20 -7.74
CA PRO A 522 14.98 -32.47 -7.03
C PRO A 522 16.08 -32.64 -6.00
N THR A 523 15.70 -33.19 -4.85
CA THR A 523 16.66 -33.46 -3.77
C THR A 523 17.43 -34.75 -3.99
N GLY A 524 16.98 -35.61 -4.91
CA GLY A 524 17.70 -36.83 -5.22
C GLY A 524 17.50 -37.19 -6.67
N GLY A 525 18.51 -37.81 -7.25
CA GLY A 525 18.44 -38.11 -8.67
C GLY A 525 18.58 -36.84 -9.51
N GLN A 526 18.11 -36.94 -10.74
CA GLN A 526 18.17 -35.82 -11.66
C GLN A 526 17.08 -35.95 -12.72
N VAL A 527 16.72 -34.83 -13.32
CA VAL A 527 15.77 -34.79 -14.42
C VAL A 527 16.53 -34.42 -15.68
N LEU A 528 16.51 -35.32 -16.67
CA LEU A 528 17.28 -35.15 -17.90
C LEU A 528 16.34 -34.92 -19.08
N LEU A 529 16.59 -33.84 -19.82
CA LEU A 529 15.88 -33.55 -21.06
C LEU A 529 16.90 -33.58 -22.18
N ASP A 530 16.67 -34.45 -23.16
CA ASP A 530 17.59 -34.63 -24.29
C ASP A 530 19.01 -34.93 -23.80
N GLU A 531 19.11 -35.79 -22.78
CA GLU A 531 20.36 -36.21 -22.15
C GLU A 531 21.10 -35.06 -21.47
N LYS A 532 20.44 -33.92 -21.29
CA LYS A 532 21.01 -32.80 -20.54
C LYS A 532 20.18 -32.53 -19.30
N PRO A 533 20.81 -32.15 -18.19
CA PRO A 533 20.04 -31.77 -16.99
C PRO A 533 19.12 -30.60 -17.29
N ILE A 534 17.94 -30.63 -16.67
CA ILE A 534 16.91 -29.62 -16.98
C ILE A 534 17.37 -28.23 -16.58
N SER A 535 18.18 -28.12 -15.51
CA SER A 535 18.60 -26.81 -15.03
C SER A 535 19.63 -26.14 -15.93
N GLN A 536 20.22 -26.87 -16.87
CA GLN A 536 21.26 -26.30 -17.72
C GLN A 536 20.74 -25.55 -18.93
N TYR A 537 19.45 -25.71 -19.27
CA TYR A 537 18.89 -25.00 -20.41
C TYR A 537 18.61 -23.55 -20.05
N GLU A 538 18.71 -22.67 -21.04
CA GLU A 538 18.46 -21.26 -20.82
C GLU A 538 17.00 -21.02 -20.47
N HIS A 539 16.75 -20.08 -19.56
CA HIS A 539 15.41 -19.84 -19.05
C HIS A 539 14.44 -19.49 -20.17
N CYS A 540 14.79 -18.50 -20.99
CA CYS A 540 13.89 -18.05 -22.06
C CYS A 540 13.70 -19.11 -23.14
N TYR A 541 14.64 -20.03 -23.29
CA TYR A 541 14.53 -21.10 -24.28
C TYR A 541 13.79 -22.30 -23.70
N LEU A 542 14.11 -22.67 -22.45
CA LEU A 542 13.43 -23.78 -21.79
C LEU A 542 11.95 -23.49 -21.66
N HIS A 543 11.59 -22.30 -21.18
CA HIS A 543 10.18 -21.99 -21.01
C HIS A 543 9.48 -21.68 -22.32
N SER A 544 10.21 -21.55 -23.42
CA SER A 544 9.60 -21.46 -24.74
C SER A 544 9.39 -22.82 -25.38
N GLN A 545 10.24 -23.79 -25.06
CA GLN A 545 10.09 -25.13 -25.60
C GLN A 545 9.18 -26.02 -24.76
N VAL A 546 9.16 -25.83 -23.44
CA VAL A 546 8.35 -26.63 -22.53
C VAL A 546 7.33 -25.72 -21.89
N VAL A 547 6.04 -26.00 -22.13
CA VAL A 547 4.94 -25.23 -21.56
C VAL A 547 3.94 -26.20 -20.96
N SER A 548 3.06 -25.65 -20.12
CA SER A 548 2.07 -26.47 -19.44
C SER A 548 0.79 -25.66 -19.23
N VAL A 549 -0.29 -26.37 -18.94
CA VAL A 549 -1.58 -25.78 -18.60
C VAL A 549 -1.88 -26.13 -17.15
N GLY A 550 -2.11 -25.12 -16.32
CA GLY A 550 -2.31 -25.34 -14.91
C GLY A 550 -3.64 -26.01 -14.61
N GLN A 551 -3.71 -26.60 -13.41
CA GLN A 551 -4.96 -27.22 -12.97
C GLN A 551 -6.07 -26.18 -12.86
N GLU A 552 -5.76 -25.02 -12.28
CA GLU A 552 -6.64 -23.87 -12.32
C GLU A 552 -5.85 -22.70 -12.87
N PRO A 553 -5.96 -22.37 -14.16
CA PRO A 553 -5.12 -21.34 -14.74
C PRO A 553 -5.52 -19.95 -14.26
N VAL A 554 -4.54 -19.06 -14.21
CA VAL A 554 -4.75 -17.66 -13.86
C VAL A 554 -4.39 -16.78 -15.05
N LEU A 555 -5.24 -15.81 -15.34
CA LEU A 555 -5.07 -14.91 -16.48
C LEU A 555 -4.86 -13.49 -15.98
N PHE A 556 -3.93 -12.79 -16.60
CA PHE A 556 -3.61 -11.42 -16.21
C PHE A 556 -4.51 -10.44 -16.94
N SER A 557 -4.71 -9.28 -16.30
CA SER A 557 -5.55 -8.24 -16.88
C SER A 557 -4.94 -7.71 -18.18
N GLY A 558 -5.81 -7.38 -19.13
CA GLY A 558 -5.37 -6.89 -20.42
C GLY A 558 -6.20 -7.43 -21.57
N SER A 559 -5.80 -7.13 -22.79
CA SER A 559 -6.52 -7.62 -23.96
C SER A 559 -6.37 -9.13 -24.09
N VAL A 560 -7.35 -9.75 -24.73
CA VAL A 560 -7.31 -11.21 -24.93
C VAL A 560 -6.11 -11.60 -25.77
N ARG A 561 -5.76 -10.77 -26.77
CA ARG A 561 -4.61 -11.08 -27.60
C ARG A 561 -3.31 -11.01 -26.80
N ASN A 562 -3.28 -10.17 -25.77
CA ASN A 562 -2.11 -10.07 -24.91
C ASN A 562 -2.08 -11.14 -23.83
N ASN A 563 -3.18 -11.86 -23.63
CA ASN A 563 -3.19 -13.02 -22.75
C ASN A 563 -2.82 -14.29 -23.49
N ILE A 564 -3.31 -14.43 -24.72
CA ILE A 564 -2.92 -15.57 -25.55
C ILE A 564 -1.44 -15.48 -25.89
N ALA A 565 -0.96 -14.29 -26.25
CA ALA A 565 0.44 -14.07 -26.58
C ALA A 565 1.26 -13.63 -25.38
N TYR A 566 0.86 -14.02 -24.17
CA TYR A 566 1.57 -13.62 -22.97
C TYR A 566 3.01 -14.13 -22.98
N GLY A 567 3.94 -13.26 -22.63
CA GLY A 567 5.34 -13.63 -22.49
C GLY A 567 6.13 -13.69 -23.77
N LEU A 568 5.56 -13.27 -24.90
CA LEU A 568 6.24 -13.27 -26.18
C LEU A 568 6.63 -11.84 -26.56
N GLN A 569 7.88 -11.67 -26.99
CA GLN A 569 8.32 -10.33 -27.40
C GLN A 569 7.57 -9.85 -28.63
N SER A 570 7.34 -10.73 -29.61
CA SER A 570 6.62 -10.36 -30.81
C SER A 570 5.71 -11.50 -31.23
N CYS A 571 4.49 -11.16 -31.61
CA CYS A 571 3.51 -12.16 -32.04
C CYS A 571 2.45 -11.48 -32.89
N GLU A 572 2.36 -11.85 -34.16
CA GLU A 572 1.36 -11.28 -35.04
C GLU A 572 -0.03 -11.81 -34.70
N ASP A 573 -1.05 -11.07 -35.13
CA ASP A 573 -2.42 -11.54 -34.93
C ASP A 573 -2.70 -12.79 -35.73
N ASP A 574 -1.93 -13.05 -36.79
CA ASP A 574 -2.10 -14.27 -37.58
C ASP A 574 -1.76 -15.52 -36.79
N LYS A 575 -0.86 -15.41 -35.80
CA LYS A 575 -0.56 -16.55 -34.95
C LYS A 575 -1.58 -16.70 -33.84
N VAL A 576 -2.06 -15.57 -33.30
CA VAL A 576 -3.05 -15.62 -32.22
C VAL A 576 -4.36 -16.18 -32.74
N MET A 577 -4.75 -15.81 -33.96
CA MET A 577 -5.98 -16.33 -34.52
C MET A 577 -5.88 -17.81 -34.88
N ALA A 578 -4.69 -18.32 -35.17
CA ALA A 578 -4.52 -19.75 -35.37
C ALA A 578 -4.56 -20.49 -34.03
N ALA A 579 -3.96 -19.90 -33.00
CA ALA A 579 -4.01 -20.50 -31.67
C ALA A 579 -5.44 -20.56 -31.16
N ALA A 580 -6.24 -19.51 -31.40
CA ALA A 580 -7.63 -19.52 -30.98
C ALA A 580 -8.42 -20.60 -31.70
N GLN A 581 -8.16 -20.82 -32.99
CA GLN A 581 -8.81 -21.91 -33.71
C GLN A 581 -8.40 -23.27 -33.15
N ALA A 582 -7.12 -23.42 -32.82
CA ALA A 582 -6.64 -24.71 -32.32
C ALA A 582 -7.23 -25.08 -30.97
N ALA A 583 -7.63 -24.09 -30.17
CA ALA A 583 -8.19 -24.32 -28.85
C ALA A 583 -9.71 -24.18 -28.81
N HIS A 584 -10.36 -24.13 -29.97
CA HIS A 584 -11.82 -23.95 -30.05
C HIS A 584 -12.26 -22.68 -29.32
N ALA A 585 -11.49 -21.61 -29.48
CA ALA A 585 -11.76 -20.36 -28.78
C ALA A 585 -12.38 -19.29 -29.67
N ASP A 586 -12.27 -19.42 -30.99
CA ASP A 586 -12.78 -18.38 -31.88
C ASP A 586 -14.30 -18.29 -31.86
N ASP A 587 -14.99 -19.34 -31.41
CA ASP A 587 -16.45 -19.34 -31.38
C ASP A 587 -17.02 -18.39 -30.34
N PHE A 588 -16.23 -17.97 -29.36
CA PHE A 588 -16.69 -17.01 -28.36
C PHE A 588 -15.88 -15.72 -28.31
N ILE A 589 -14.68 -15.68 -28.90
CA ILE A 589 -13.92 -14.44 -28.93
C ILE A 589 -14.61 -13.41 -29.81
N GLN A 590 -15.21 -13.85 -30.91
CA GLN A 590 -15.87 -12.92 -31.83
C GLN A 590 -17.05 -12.22 -31.18
N GLU A 591 -17.69 -12.85 -30.19
CA GLU A 591 -18.86 -12.28 -29.54
C GLU A 591 -18.51 -11.22 -28.50
N MET A 592 -17.24 -10.99 -28.22
CA MET A 592 -16.86 -10.03 -27.19
C MET A 592 -17.08 -8.61 -27.68
N GLU A 593 -16.89 -7.65 -26.76
CA GLU A 593 -17.21 -6.25 -27.05
C GLU A 593 -16.35 -5.70 -28.19
N HIS A 594 -15.04 -5.95 -28.15
CA HIS A 594 -14.12 -5.46 -29.16
C HIS A 594 -13.37 -6.60 -29.82
N GLY A 595 -13.99 -7.78 -29.91
CA GLY A 595 -13.32 -8.91 -30.52
C GLY A 595 -12.15 -9.38 -29.67
N ILE A 596 -11.05 -9.69 -30.35
CA ILE A 596 -9.85 -10.17 -29.66
C ILE A 596 -9.18 -9.10 -28.81
N TYR A 597 -9.56 -7.84 -28.97
CA TYR A 597 -8.98 -6.74 -28.21
C TYR A 597 -9.73 -6.44 -26.93
N THR A 598 -10.76 -7.23 -26.60
CA THR A 598 -11.55 -6.96 -25.40
C THR A 598 -10.73 -7.17 -24.15
N ASP A 599 -10.87 -6.25 -23.20
CA ASP A 599 -10.15 -6.34 -21.94
C ASP A 599 -10.70 -7.46 -21.08
N VAL A 600 -9.81 -8.06 -20.29
CA VAL A 600 -10.16 -9.12 -19.34
C VAL A 600 -9.87 -8.60 -17.94
N GLY A 601 -10.82 -8.78 -17.04
CA GLY A 601 -10.66 -8.29 -15.68
C GLY A 601 -9.53 -8.99 -14.94
N GLU A 602 -9.25 -8.48 -13.75
CA GLU A 602 -8.17 -9.03 -12.93
C GLU A 602 -8.44 -10.50 -12.61
N LYS A 603 -7.39 -11.31 -12.71
CA LYS A 603 -7.44 -12.75 -12.47
C LYS A 603 -8.42 -13.48 -13.38
N GLY A 604 -8.84 -12.84 -14.47
CA GLY A 604 -9.82 -13.44 -15.36
C GLY A 604 -11.24 -13.43 -14.85
N SER A 605 -11.63 -12.44 -14.07
CA SER A 605 -12.92 -12.43 -13.38
C SER A 605 -14.03 -11.91 -14.27
N GLN A 606 -13.80 -11.82 -15.58
CA GLN A 606 -14.83 -11.37 -16.51
C GLN A 606 -15.14 -12.44 -17.56
N LEU A 607 -14.78 -13.69 -17.29
CA LEU A 607 -14.97 -14.78 -18.23
C LEU A 607 -15.48 -16.02 -17.50
N ALA A 608 -16.13 -16.90 -18.24
CA ALA A 608 -16.53 -18.18 -17.69
C ALA A 608 -15.31 -19.07 -17.44
N ALA A 609 -15.49 -20.09 -16.62
CA ALA A 609 -14.39 -21.00 -16.32
C ALA A 609 -13.90 -21.73 -17.57
N GLY A 610 -14.84 -22.19 -18.41
CA GLY A 610 -14.46 -22.82 -19.65
C GLY A 610 -13.75 -21.89 -20.61
N GLN A 611 -14.17 -20.62 -20.67
CA GLN A 611 -13.48 -19.65 -21.50
C GLN A 611 -12.06 -19.40 -21.00
N LYS A 612 -11.88 -19.31 -19.69
CA LYS A 612 -10.53 -19.20 -19.14
C LYS A 612 -9.69 -20.41 -19.49
N GLN A 613 -10.28 -21.60 -19.40
CA GLN A 613 -9.55 -22.82 -19.74
C GLN A 613 -9.13 -22.81 -21.20
N ARG A 614 -10.03 -22.39 -22.10
CA ARG A 614 -9.71 -22.35 -23.52
C ARG A 614 -8.61 -21.32 -23.81
N LEU A 615 -8.67 -20.15 -23.15
CA LEU A 615 -7.62 -19.17 -23.32
C LEU A 615 -6.28 -19.69 -22.80
N ALA A 616 -6.30 -20.42 -21.69
CA ALA A 616 -5.07 -21.02 -21.17
C ALA A 616 -4.50 -22.05 -22.13
N ILE A 617 -5.37 -22.87 -22.75
CA ILE A 617 -4.91 -23.84 -23.74
C ILE A 617 -4.31 -23.14 -24.95
N ALA A 618 -4.97 -22.07 -25.42
CA ALA A 618 -4.44 -21.32 -26.56
C ALA A 618 -3.10 -20.67 -26.22
N ARG A 619 -2.93 -20.23 -24.97
CA ARG A 619 -1.67 -19.64 -24.56
C ARG A 619 -0.52 -20.64 -24.67
N ALA A 620 -0.77 -21.90 -24.30
CA ALA A 620 0.26 -22.92 -24.43
C ALA A 620 0.45 -23.35 -25.87
N LEU A 621 -0.61 -23.31 -26.69
CA LEU A 621 -0.50 -23.75 -28.07
C LEU A 621 0.23 -22.74 -28.94
N VAL A 622 0.06 -21.45 -28.66
CA VAL A 622 0.65 -20.41 -29.51
C VAL A 622 2.17 -20.43 -29.45
N ARG A 623 2.76 -21.03 -28.40
CA ARG A 623 4.21 -21.05 -28.25
C ARG A 623 4.85 -22.24 -28.96
N ASP A 624 4.15 -22.87 -29.90
CA ASP A 624 4.60 -24.06 -30.62
C ASP A 624 5.54 -24.97 -29.82
N PRO A 625 5.11 -25.42 -28.65
CA PRO A 625 6.02 -26.15 -27.76
C PRO A 625 6.37 -27.53 -28.28
N ARG A 626 7.53 -28.02 -27.82
CA ARG A 626 7.94 -29.38 -28.12
C ARG A 626 7.47 -30.37 -27.06
N VAL A 627 7.41 -29.94 -25.80
CA VAL A 627 6.89 -30.76 -24.71
C VAL A 627 5.68 -30.02 -24.14
N LEU A 628 4.54 -30.70 -24.13
CA LEU A 628 3.28 -30.12 -23.67
C LEU A 628 2.80 -30.93 -22.47
N ILE A 629 2.47 -30.23 -21.38
CA ILE A 629 2.01 -30.86 -20.15
C ILE A 629 0.60 -30.37 -19.90
N LEU A 630 -0.38 -31.28 -19.97
CA LEU A 630 -1.79 -30.93 -19.77
C LEU A 630 -2.20 -31.38 -18.37
N ASP A 631 -1.90 -30.54 -17.39
CA ASP A 631 -2.20 -30.85 -16.00
C ASP A 631 -3.68 -30.65 -15.71
N GLU A 632 -4.49 -31.69 -15.96
CA GLU A 632 -5.94 -31.65 -15.74
C GLU A 632 -6.60 -30.49 -16.47
N ALA A 633 -6.17 -30.25 -17.72
CA ALA A 633 -6.69 -29.13 -18.48
C ALA A 633 -8.15 -29.30 -18.89
N THR A 634 -8.61 -30.53 -19.03
CA THR A 634 -9.95 -30.79 -19.54
C THR A 634 -11.02 -30.83 -18.45
N SER A 635 -10.66 -30.53 -17.20
CA SER A 635 -11.61 -30.67 -16.09
C SER A 635 -12.81 -29.75 -16.26
N ALA A 636 -12.59 -28.50 -16.69
CA ALA A 636 -13.66 -27.51 -16.74
C ALA A 636 -14.39 -27.46 -18.06
N LEU A 637 -13.97 -28.23 -19.06
CA LEU A 637 -14.60 -28.18 -20.37
C LEU A 637 -15.84 -29.06 -20.41
N ASP A 638 -16.69 -28.80 -21.41
CA ASP A 638 -17.87 -29.62 -21.65
C ASP A 638 -17.53 -30.77 -22.59
N VAL A 639 -18.47 -31.72 -22.71
CA VAL A 639 -18.19 -32.99 -23.36
C VAL A 639 -17.76 -32.81 -24.81
N GLN A 640 -18.34 -31.85 -25.52
CA GLN A 640 -17.95 -31.63 -26.91
C GLN A 640 -16.49 -31.25 -27.02
N CYS A 641 -16.04 -30.32 -26.18
CA CYS A 641 -14.61 -29.94 -26.18
C CYS A 641 -13.76 -31.01 -25.52
N GLU A 642 -14.32 -31.75 -24.56
CA GLU A 642 -13.58 -32.84 -23.93
C GLU A 642 -13.19 -33.91 -24.96
N GLN A 643 -14.11 -34.21 -25.88
CA GLN A 643 -13.84 -35.23 -26.90
C GLN A 643 -13.16 -34.65 -28.14
N ALA A 644 -13.41 -33.38 -28.45
CA ALA A 644 -12.86 -32.80 -29.67
C ALA A 644 -11.34 -32.60 -29.58
N LEU A 645 -10.85 -32.14 -28.43
CA LEU A 645 -9.43 -31.89 -28.26
C LEU A 645 -8.66 -33.11 -27.76
N GLN A 646 -9.26 -34.30 -27.78
CA GLN A 646 -8.54 -35.49 -27.34
C GLN A 646 -7.31 -35.77 -28.19
N ASP A 647 -7.37 -35.45 -29.48
CA ASP A 647 -6.26 -35.73 -30.40
C ASP A 647 -5.18 -34.67 -30.34
N TRP A 648 -4.47 -34.60 -29.20
CA TRP A 648 -3.35 -33.67 -29.08
C TRP A 648 -2.15 -34.11 -29.89
N ASN A 649 -2.01 -35.40 -30.16
CA ASN A 649 -0.89 -35.93 -30.93
C ASN A 649 -1.18 -35.98 -32.43
N SER A 650 -2.07 -35.12 -32.93
CA SER A 650 -2.37 -35.13 -34.35
C SER A 650 -1.16 -34.77 -35.19
N ARG A 651 -0.36 -33.79 -34.75
CA ARG A 651 0.84 -33.43 -35.48
C ARG A 651 1.88 -34.53 -35.45
N GLY A 652 1.94 -35.33 -34.38
CA GLY A 652 2.83 -36.45 -34.30
C GLY A 652 4.28 -36.12 -33.99
N ASP A 653 4.59 -34.89 -33.62
CA ASP A 653 5.96 -34.49 -33.33
C ASP A 653 5.98 -33.67 -32.03
N ARG A 654 5.25 -34.12 -31.02
CA ARG A 654 5.26 -33.49 -29.71
C ARG A 654 5.30 -34.55 -28.63
N THR A 655 5.96 -34.22 -27.53
CA THR A 655 5.97 -35.07 -26.34
C THR A 655 4.88 -34.55 -25.40
N VAL A 656 3.75 -35.26 -25.35
CA VAL A 656 2.56 -34.80 -24.65
C VAL A 656 2.39 -35.62 -23.38
N LEU A 657 2.28 -34.94 -22.25
CA LEU A 657 1.96 -35.56 -20.97
C LEU A 657 0.61 -35.04 -20.50
N VAL A 658 -0.31 -35.96 -20.22
CA VAL A 658 -1.65 -35.61 -19.75
C VAL A 658 -1.82 -36.17 -18.35
N ILE A 659 -2.40 -35.36 -17.46
CA ILE A 659 -2.63 -35.74 -16.07
C ILE A 659 -4.14 -35.84 -15.86
N ALA A 660 -4.61 -37.01 -15.42
CA ALA A 660 -6.03 -37.27 -15.32
C ALA A 660 -6.36 -37.80 -13.93
N HIS A 661 -7.52 -37.39 -13.42
CA HIS A 661 -7.97 -37.88 -12.12
C HIS A 661 -8.45 -39.32 -12.20
N ARG A 662 -8.97 -39.74 -13.36
CA ARG A 662 -9.54 -41.07 -13.53
C ARG A 662 -8.97 -41.71 -14.79
N LEU A 663 -9.05 -43.05 -14.82
CA LEU A 663 -8.48 -43.80 -15.94
C LEU A 663 -9.34 -43.72 -17.19
N GLN A 664 -10.64 -43.40 -17.03
CA GLN A 664 -11.57 -43.51 -18.15
C GLN A 664 -11.22 -42.55 -19.28
N THR A 665 -10.85 -41.31 -18.94
CA THR A 665 -10.63 -40.29 -19.96
C THR A 665 -9.32 -40.48 -20.72
N VAL A 666 -8.45 -41.38 -20.26
CA VAL A 666 -7.15 -41.60 -20.89
C VAL A 666 -7.02 -43.01 -21.44
N GLN A 667 -8.14 -43.61 -21.88
CA GLN A 667 -8.08 -44.96 -22.44
C GLN A 667 -7.27 -45.00 -23.74
N ARG A 668 -7.13 -43.86 -24.42
CA ARG A 668 -6.40 -43.79 -25.67
C ARG A 668 -4.90 -43.60 -25.47
N ALA A 669 -4.47 -43.31 -24.24
CA ALA A 669 -3.06 -43.00 -24.00
C ALA A 669 -2.17 -44.19 -24.36
N HIS A 670 -1.05 -43.88 -25.03
CA HIS A 670 -0.10 -44.92 -25.41
C HIS A 670 0.52 -45.58 -24.18
N GLN A 671 0.86 -44.79 -23.16
CA GLN A 671 1.46 -45.29 -21.94
C GLN A 671 0.75 -44.69 -20.74
N ILE A 672 0.44 -45.51 -19.76
CA ILE A 672 -0.30 -45.09 -18.57
C ILE A 672 0.56 -45.32 -17.35
N LEU A 673 0.73 -44.28 -16.53
CA LEU A 673 1.46 -44.34 -15.28
C LEU A 673 0.50 -44.11 -14.13
N VAL A 674 0.53 -45.01 -13.14
CA VAL A 674 -0.33 -44.92 -11.97
C VAL A 674 0.54 -44.56 -10.77
N LEU A 675 0.19 -43.49 -10.08
CA LEU A 675 0.99 -42.95 -8.98
C LEU A 675 0.13 -42.90 -7.72
N GLN A 676 0.65 -43.44 -6.63
CA GLN A 676 0.01 -43.32 -5.32
C GLN A 676 1.09 -43.22 -4.26
N GLU A 677 0.87 -42.31 -3.30
CA GLU A 677 1.79 -42.07 -2.18
C GLU A 677 3.21 -41.76 -2.66
N GLY A 678 3.34 -41.20 -3.86
CA GLY A 678 4.64 -40.85 -4.39
C GLY A 678 5.42 -41.97 -5.03
N LYS A 679 4.78 -43.11 -5.28
CA LYS A 679 5.44 -44.24 -5.94
C LYS A 679 4.59 -44.69 -7.12
N LEU A 680 5.24 -44.89 -8.26
CA LEU A 680 4.55 -45.34 -9.46
C LEU A 680 4.46 -46.86 -9.47
N GLN A 681 3.36 -47.38 -10.03
CA GLN A 681 3.14 -48.82 -10.09
C GLN A 681 4.05 -49.46 -11.14
N GLN B 102 18.37 49.31 21.24
CA GLN B 102 17.03 48.84 21.55
C GLN B 102 17.02 47.35 21.85
N ARG B 103 17.43 46.55 20.85
CA ARG B 103 17.50 45.10 20.98
C ARG B 103 16.16 44.54 21.46
N VAL B 104 15.14 44.69 20.62
CA VAL B 104 13.82 44.18 20.94
C VAL B 104 13.84 42.66 20.98
N ARG B 105 13.09 42.09 21.91
CA ARG B 105 13.05 40.64 22.08
C ARG B 105 12.39 39.97 20.89
N ARG B 106 12.58 38.65 20.81
CA ARG B 106 12.07 37.84 19.71
C ARG B 106 11.13 36.77 20.25
N LEU B 107 10.06 36.50 19.53
CA LEU B 107 9.10 35.46 19.89
C LEU B 107 8.98 34.38 18.83
N LEU B 108 9.92 34.31 17.90
CA LEU B 108 9.88 33.36 16.79
C LEU B 108 11.20 32.61 16.74
N PRO B 109 11.21 31.40 16.18
CA PRO B 109 12.46 30.63 16.09
C PRO B 109 13.52 31.29 15.23
N CYS B 110 14.78 30.95 15.48
CA CYS B 110 15.88 31.52 14.69
C CYS B 110 15.78 31.08 13.23
N ASP B 111 15.49 29.81 13.00
CA ASP B 111 15.30 29.27 11.66
C ASP B 111 13.81 28.97 11.47
N LEU B 112 13.26 29.43 10.34
CA LEU B 112 11.82 29.30 10.13
C LEU B 112 11.43 27.96 9.53
N ASP B 113 12.39 27.16 9.06
CA ASP B 113 12.09 25.90 8.39
C ASP B 113 12.12 24.69 9.33
N ILE B 114 12.34 24.91 10.63
CA ILE B 114 12.33 23.84 11.62
C ILE B 114 11.05 23.98 12.43
N HIS B 115 10.37 22.86 12.66
CA HIS B 115 9.08 22.89 13.34
C HIS B 115 9.25 23.47 14.74
N PRO B 116 8.27 24.25 15.22
CA PRO B 116 8.40 24.86 16.54
C PRO B 116 8.55 23.87 17.69
N SER B 117 8.22 22.60 17.47
CA SER B 117 8.40 21.60 18.53
C SER B 117 9.89 21.51 18.83
N HIS B 118 10.73 21.67 17.82
CA HIS B 118 12.18 21.64 17.98
C HIS B 118 12.85 22.98 18.33
N ARG B 119 12.07 23.90 18.90
CA ARG B 119 12.51 25.28 19.06
C ARG B 119 13.77 25.47 19.90
N LEU B 120 13.99 24.63 20.91
CA LEU B 120 15.18 24.72 21.75
C LEU B 120 15.29 26.09 22.41
N LEU B 121 14.37 26.38 23.34
CA LEU B 121 14.29 27.68 24.00
C LEU B 121 15.66 28.17 24.43
N THR B 122 15.87 29.48 24.29
CA THR B 122 17.15 30.12 24.56
C THR B 122 16.98 31.21 25.60
N LEU B 123 18.10 31.73 26.07
CA LEU B 123 18.06 32.76 27.10
C LEU B 123 18.09 34.11 26.40
N MET B 124 18.98 34.27 25.43
CA MET B 124 19.22 35.57 24.81
C MET B 124 18.20 36.07 23.72
N ASN B 125 17.42 35.12 23.21
CA ASN B 125 16.29 35.39 22.34
C ASN B 125 16.88 36.04 21.08
N ASN B 126 16.54 37.31 20.83
CA ASN B 126 16.91 37.97 19.60
C ASN B 126 18.42 38.12 19.44
N CYS B 127 19.19 37.97 20.51
CA CYS B 127 20.64 38.09 20.43
C CYS B 127 21.29 36.84 19.84
N VAL B 128 20.51 35.80 19.54
CA VAL B 128 21.08 34.54 19.07
C VAL B 128 20.97 34.35 17.56
N CYS B 129 20.12 35.13 16.89
CA CYS B 129 19.85 34.91 15.48
C CYS B 129 21.07 35.19 14.61
N ASP B 130 20.91 34.95 13.31
CA ASP B 130 22.00 35.13 12.36
C ASP B 130 22.46 36.58 12.30
N GLY B 131 21.60 37.53 12.71
CA GLY B 131 22.01 38.92 12.75
C GLY B 131 23.16 39.16 13.69
N ALA B 132 23.21 38.44 14.81
CA ALA B 132 24.32 38.54 15.74
C ALA B 132 25.50 37.67 15.35
N VAL B 133 25.32 36.75 14.40
CA VAL B 133 26.48 36.07 13.82
C VAL B 133 27.30 37.07 13.02
N TRP B 134 26.65 37.94 12.26
CA TRP B 134 27.34 39.06 11.63
C TRP B 134 27.93 40.00 12.68
N ASN B 135 27.07 40.53 13.55
CA ASN B 135 27.48 41.35 14.69
C ASN B 135 28.22 42.60 14.23
N ALA B 136 29.37 42.42 13.58
CA ALA B 136 30.15 43.52 13.04
C ALA B 136 30.91 43.10 11.80
N PRO C 172 -14.46 22.94 -0.90
CA PRO C 172 -13.68 21.70 -0.95
C PRO C 172 -12.91 21.45 0.34
N VAL C 173 -12.40 22.52 0.95
CA VAL C 173 -11.61 22.40 2.17
C VAL C 173 -12.48 21.94 3.34
N ARG C 174 -13.80 22.11 3.25
CA ARG C 174 -14.67 21.82 4.39
C ARG C 174 -14.63 20.34 4.77
N ARG C 175 -14.34 19.46 3.81
CA ARG C 175 -14.25 18.03 4.14
C ARG C 175 -13.06 17.75 5.05
N LEU C 176 -11.93 18.42 4.81
CA LEU C 176 -10.75 18.21 5.62
C LEU C 176 -10.93 18.72 7.05
N LEU C 177 -11.88 19.63 7.28
CA LEU C 177 -12.21 20.05 8.63
C LEU C 177 -13.33 19.20 9.24
N GLY C 178 -14.23 18.69 8.40
CA GLY C 178 -15.26 17.79 8.90
C GLY C 178 -14.72 16.48 9.38
N CYS C 179 -13.70 15.94 8.70
CA CYS C 179 -13.05 14.73 9.17
C CYS C 179 -12.23 14.96 10.43
N LEU C 180 -11.89 16.22 10.73
CA LEU C 180 -11.13 16.55 11.94
C LEU C 180 -12.04 16.87 13.12
N GLY C 181 -13.23 17.41 12.86
CA GLY C 181 -14.07 17.95 13.90
C GLY C 181 -14.76 16.94 14.80
N SER C 182 -14.20 15.73 14.90
CA SER C 182 -14.77 14.74 15.82
C SER C 182 -14.52 15.12 17.27
N GLU C 183 -13.30 15.52 17.62
CA GLU C 183 -12.95 15.79 19.01
C GLU C 183 -13.35 17.20 19.44
N THR C 184 -12.71 18.21 18.84
CA THR C 184 -13.00 19.63 19.08
C THR C 184 -12.75 20.07 20.52
N ARG C 185 -12.24 19.16 21.36
CA ARG C 185 -11.98 19.50 22.76
C ARG C 185 -10.49 19.45 23.07
N ARG C 186 -9.84 18.36 22.66
CA ARG C 186 -8.40 18.24 22.84
C ARG C 186 -7.66 19.34 22.10
N LEU C 187 -8.12 19.68 20.89
CA LEU C 187 -7.51 20.76 20.13
C LEU C 187 -7.67 22.10 20.85
N SER C 188 -8.85 22.36 21.43
CA SER C 188 -9.02 23.60 22.18
C SER C 188 -8.13 23.65 23.41
N LEU C 189 -7.97 22.51 24.11
CA LEU C 189 -7.05 22.48 25.24
C LEU C 189 -5.61 22.73 24.80
N PHE C 190 -5.20 22.14 23.68
CA PHE C 190 -3.86 22.39 23.14
C PHE C 190 -3.69 23.86 22.79
N LEU C 191 -4.73 24.47 22.23
CA LEU C 191 -4.68 25.89 21.88
C LEU C 191 -4.52 26.76 23.11
N VAL C 192 -5.29 26.47 24.17
CA VAL C 192 -5.14 27.27 25.39
C VAL C 192 -3.77 27.05 26.01
N LEU C 193 -3.23 25.83 25.91
CA LEU C 193 -1.89 25.57 26.43
C LEU C 193 -0.84 26.35 25.67
N VAL C 194 -0.94 26.41 24.33
CA VAL C 194 0.07 27.13 23.56
C VAL C 194 -0.09 28.64 23.77
N VAL C 195 -1.31 29.12 23.99
CA VAL C 195 -1.51 30.53 24.33
C VAL C 195 -0.83 30.85 25.65
N LEU C 196 -1.01 29.98 26.65
CA LEU C 196 -0.37 30.18 27.94
C LEU C 196 1.15 30.17 27.80
N SER C 197 1.68 29.25 27.00
CA SER C 197 3.12 29.19 26.78
C SER C 197 3.62 30.46 26.11
N SER C 198 2.89 30.95 25.12
CA SER C 198 3.29 32.19 24.44
C SER C 198 3.28 33.37 25.41
N LEU C 199 2.26 33.46 26.26
CA LEU C 199 2.22 34.54 27.25
C LEU C 199 3.39 34.44 28.21
N GLY C 200 3.70 33.23 28.68
CA GLY C 200 4.82 33.05 29.59
C GLY C 200 6.15 33.41 28.95
N GLU C 201 6.32 33.09 27.67
CA GLU C 201 7.53 33.48 26.96
C GLU C 201 7.59 34.98 26.74
N MET C 202 6.44 35.62 26.51
CA MET C 202 6.42 37.06 26.30
C MET C 202 6.66 37.82 27.60
N ALA C 203 6.39 37.20 28.75
CA ALA C 203 6.45 37.91 30.02
C ALA C 203 7.86 38.02 30.58
N ILE C 204 8.87 37.41 29.94
CA ILE C 204 10.21 37.36 30.53
C ILE C 204 10.84 38.73 30.73
N PRO C 205 10.85 39.65 29.76
CA PRO C 205 11.69 40.84 29.93
C PRO C 205 11.13 41.84 30.94
N PHE C 206 9.82 41.89 31.12
CA PHE C 206 9.22 42.88 32.00
C PHE C 206 9.41 42.56 33.48
N PHE C 207 9.78 41.31 33.80
CA PHE C 207 10.09 40.95 35.18
C PHE C 207 11.58 40.93 35.46
N THR C 208 12.37 40.40 34.52
CA THR C 208 13.82 40.36 34.70
C THR C 208 14.45 41.73 34.46
N GLY C 209 13.90 42.51 33.55
CA GLY C 209 14.55 43.70 33.05
C GLY C 209 14.88 43.54 31.59
N ARG C 210 14.79 44.61 30.82
CA ARG C 210 14.84 44.48 29.36
C ARG C 210 16.19 43.97 28.88
N LEU C 211 17.29 44.54 29.36
CA LEU C 211 18.60 44.18 28.85
C LEU C 211 19.64 44.27 29.98
N THR C 212 20.74 43.56 29.77
CA THR C 212 21.94 43.67 30.61
C THR C 212 21.63 43.43 32.09
N ASP C 213 21.24 42.21 32.42
CA ASP C 213 20.98 41.84 33.79
C ASP C 213 22.24 41.35 34.50
N ARG C 226 20.85 36.89 41.36
CA ARG C 226 19.55 36.92 42.00
C ARG C 226 18.43 37.03 40.97
N ASN C 227 18.71 37.76 39.88
CA ASN C 227 17.74 37.92 38.81
C ASN C 227 17.68 36.72 37.87
N LEU C 228 18.66 35.83 37.95
CA LEU C 228 18.74 34.70 37.03
C LEU C 228 17.74 33.59 37.37
N THR C 229 17.33 33.47 38.63
CA THR C 229 16.52 32.33 39.04
C THR C 229 15.12 32.39 38.45
N LEU C 230 14.45 33.53 38.55
CA LEU C 230 13.07 33.64 38.07
C LEU C 230 12.99 33.42 36.56
N MET C 231 13.99 33.88 35.82
CA MET C 231 14.03 33.67 34.38
C MET C 231 14.12 32.19 34.03
N SER C 232 14.98 31.45 34.75
CA SER C 232 15.07 30.01 34.54
C SER C 232 13.77 29.32 34.90
N ILE C 233 13.12 29.78 35.98
CA ILE C 233 11.84 29.20 36.38
C ILE C 233 10.80 29.39 35.27
N LEU C 234 10.74 30.59 34.70
CA LEU C 234 9.80 30.85 33.62
C LEU C 234 10.10 29.98 32.40
N THR C 235 11.39 29.84 32.05
CA THR C 235 11.75 29.00 30.92
C THR C 235 11.36 27.55 31.15
N ILE C 236 11.59 27.04 32.36
CA ILE C 236 11.23 25.66 32.68
C ILE C 236 9.73 25.46 32.59
N ALA C 237 8.96 26.41 33.12
CA ALA C 237 7.50 26.31 33.04
C ALA C 237 7.04 26.30 31.58
N SER C 238 7.63 27.15 30.74
CA SER C 238 7.27 27.16 29.33
C SER C 238 7.59 25.82 28.67
N ALA C 239 8.75 25.24 28.99
CA ALA C 239 9.12 23.95 28.43
C ALA C 239 8.15 22.85 28.85
N VAL C 240 7.75 22.83 30.13
CA VAL C 240 6.81 21.81 30.58
C VAL C 240 5.45 21.97 29.89
N LEU C 241 4.97 23.20 29.77
CA LEU C 241 3.70 23.43 29.08
C LEU C 241 3.78 22.99 27.63
N GLU C 242 4.89 23.28 26.96
CA GLU C 242 5.06 22.85 25.58
C GLU C 242 5.06 21.33 25.48
N PHE C 243 5.72 20.65 26.42
CA PHE C 243 5.72 19.18 26.42
C PHE C 243 4.32 18.62 26.54
N VAL C 244 3.54 19.16 27.49
CA VAL C 244 2.18 18.65 27.70
C VAL C 244 1.33 18.90 26.45
N GLY C 245 1.43 20.10 25.87
CA GLY C 245 0.67 20.39 24.67
C GLY C 245 1.03 19.48 23.52
N ASP C 246 2.33 19.23 23.33
CA ASP C 246 2.77 18.36 22.26
C ASP C 246 2.26 16.94 22.44
N GLY C 247 2.31 16.43 23.67
CA GLY C 247 1.77 15.10 23.91
C GLY C 247 0.29 14.99 23.61
N ILE C 248 -0.49 15.99 24.06
CA ILE C 248 -1.93 15.98 23.80
C ILE C 248 -2.20 16.03 22.30
N TYR C 249 -1.48 16.90 21.58
CA TYR C 249 -1.69 17.03 20.14
C TYR C 249 -1.35 15.74 19.41
N ASN C 250 -0.25 15.10 19.78
CA ASN C 250 0.13 13.85 19.14
C ASN C 250 -0.90 12.75 19.38
N ASN C 251 -1.40 12.64 20.62
CA ASN C 251 -2.42 11.63 20.90
C ASN C 251 -3.69 11.88 20.09
N THR C 252 -4.13 13.14 20.03
CA THR C 252 -5.33 13.47 19.27
C THR C 252 -5.15 13.17 17.79
N MET C 253 -3.98 13.48 17.26
CA MET C 253 -3.71 13.19 15.84
C MET C 253 -3.69 11.70 15.56
N GLY C 254 -3.11 10.90 16.46
CA GLY C 254 -3.17 9.45 16.28
C GLY C 254 -4.60 8.94 16.28
N HIS C 255 -5.43 9.45 17.20
CA HIS C 255 -6.83 9.04 17.23
C HIS C 255 -7.54 9.38 15.93
N VAL C 256 -7.33 10.60 15.43
CA VAL C 256 -7.98 11.02 14.19
C VAL C 256 -7.52 10.15 13.02
N HIS C 257 -6.22 9.86 12.95
CA HIS C 257 -5.70 9.03 11.88
C HIS C 257 -6.35 7.65 11.90
N SER C 258 -6.39 7.02 13.07
CA SER C 258 -6.98 5.69 13.17
C SER C 258 -8.45 5.70 12.76
N HIS C 259 -9.21 6.69 13.25
CA HIS C 259 -10.63 6.77 12.92
C HIS C 259 -10.85 6.91 11.42
N LEU C 260 -10.11 7.84 10.79
CA LEU C 260 -10.31 8.08 9.36
C LEU C 260 -9.92 6.86 8.53
N GLN C 261 -8.79 6.24 8.88
CA GLN C 261 -8.34 5.08 8.11
C GLN C 261 -9.30 3.91 8.25
N GLY C 262 -9.88 3.72 9.43
CA GLY C 262 -10.90 2.69 9.57
C GLY C 262 -12.16 2.99 8.79
N GLU C 263 -12.62 4.24 8.84
CA GLU C 263 -13.87 4.60 8.18
C GLU C 263 -13.77 4.56 6.67
N VAL C 264 -12.61 4.87 6.10
CA VAL C 264 -12.46 4.78 4.64
C VAL C 264 -12.68 3.34 4.18
N PHE C 265 -12.04 2.38 4.85
CA PHE C 265 -12.24 0.97 4.51
C PHE C 265 -13.67 0.52 4.75
N GLY C 266 -14.25 0.96 5.87
CA GLY C 266 -15.64 0.61 6.15
C GLY C 266 -16.59 1.10 5.09
N ALA C 267 -16.35 2.28 4.53
CA ALA C 267 -17.14 2.77 3.42
C ALA C 267 -16.81 2.06 2.11
N VAL C 268 -15.56 1.62 1.95
CA VAL C 268 -15.18 0.89 0.74
C VAL C 268 -15.93 -0.43 0.64
N LEU C 269 -16.08 -1.15 1.76
CA LEU C 269 -16.71 -2.45 1.70
C LEU C 269 -18.22 -2.41 1.41
N ARG C 270 -18.83 -1.22 1.42
CA ARG C 270 -20.28 -1.14 1.22
C ARG C 270 -20.69 -1.08 -0.23
N GLN C 271 -19.75 -0.89 -1.16
CA GLN C 271 -20.10 -0.67 -2.56
C GLN C 271 -20.66 -1.94 -3.18
N GLU C 272 -21.29 -1.77 -4.34
CA GLU C 272 -21.87 -2.91 -5.05
C GLU C 272 -20.79 -3.79 -5.64
N THR C 273 -21.15 -5.04 -5.94
CA THR C 273 -20.19 -5.97 -6.53
C THR C 273 -19.77 -5.54 -7.93
N GLU C 274 -20.53 -4.67 -8.59
CA GLU C 274 -20.12 -4.12 -9.87
C GLU C 274 -18.93 -3.17 -9.71
N PHE C 275 -18.94 -2.39 -8.62
CA PHE C 275 -17.91 -1.40 -8.40
C PHE C 275 -16.50 -2.00 -8.39
N PHE C 276 -16.38 -3.25 -7.93
CA PHE C 276 -15.09 -3.91 -7.81
C PHE C 276 -14.63 -4.54 -9.13
N GLN C 277 -15.45 -4.48 -10.18
CA GLN C 277 -14.97 -4.78 -11.52
C GLN C 277 -14.35 -3.56 -12.19
N GLN C 278 -14.80 -2.36 -11.84
CA GLN C 278 -14.23 -1.14 -12.38
C GLN C 278 -12.93 -0.77 -11.69
N ASN C 279 -12.81 -1.08 -10.40
CA ASN C 279 -11.63 -0.76 -9.61
C ASN C 279 -10.98 -2.06 -9.16
N GLN C 280 -9.71 -2.23 -9.51
CA GLN C 280 -8.99 -3.44 -9.16
C GLN C 280 -8.57 -3.40 -7.69
N THR C 281 -8.30 -4.59 -7.14
CA THR C 281 -7.95 -4.68 -5.72
C THR C 281 -6.64 -3.97 -5.43
N GLY C 282 -5.67 -4.05 -6.34
CA GLY C 282 -4.40 -3.37 -6.15
C GLY C 282 -4.48 -1.87 -6.20
N ASN C 283 -5.54 -1.33 -6.80
CA ASN C 283 -5.82 0.10 -6.76
C ASN C 283 -6.60 0.45 -5.49
N ILE C 284 -7.57 -0.39 -5.11
CA ILE C 284 -8.41 -0.10 -3.96
C ILE C 284 -7.58 -0.07 -2.68
N MET C 285 -6.72 -1.08 -2.48
CA MET C 285 -5.95 -1.11 -1.25
C MET C 285 -4.88 -0.03 -1.24
N SER C 286 -4.36 0.35 -2.42
CA SER C 286 -3.45 1.49 -2.49
C SER C 286 -4.15 2.78 -2.07
N ARG C 287 -5.40 2.96 -2.51
CA ARG C 287 -6.17 4.13 -2.09
C ARG C 287 -6.44 4.11 -0.59
N VAL C 288 -6.77 2.94 -0.05
CA VAL C 288 -7.14 2.86 1.37
C VAL C 288 -5.94 3.09 2.26
N THR C 289 -4.81 2.46 1.96
CA THR C 289 -3.69 2.45 2.89
C THR C 289 -2.76 3.65 2.73
N GLU C 290 -2.55 4.14 1.51
CA GLU C 290 -1.54 5.17 1.29
C GLU C 290 -2.11 6.58 1.33
N ASP C 291 -3.26 6.81 0.68
CA ASP C 291 -3.83 8.15 0.63
C ASP C 291 -4.20 8.65 2.02
N THR C 292 -4.82 7.80 2.83
CA THR C 292 -5.21 8.21 4.18
C THR C 292 -4.00 8.51 5.05
N SER C 293 -2.96 7.69 4.99
CA SER C 293 -1.75 7.91 5.77
C SER C 293 -0.96 9.12 5.31
N THR C 294 -1.19 9.60 4.08
CA THR C 294 -0.56 10.82 3.62
C THR C 294 -1.38 12.04 4.03
N LEU C 295 -2.71 11.95 3.88
CA LEU C 295 -3.57 13.06 4.27
C LEU C 295 -3.46 13.33 5.78
N SER C 296 -3.50 12.27 6.59
CA SER C 296 -3.42 12.45 8.03
C SER C 296 -2.02 12.84 8.50
N ASP C 297 -0.99 12.55 7.71
CA ASP C 297 0.35 13.05 8.03
C ASP C 297 0.47 14.53 7.71
N SER C 298 -0.05 14.94 6.55
CA SER C 298 -0.01 16.35 6.19
C SER C 298 -0.82 17.20 7.16
N LEU C 299 -2.00 16.72 7.54
CA LEU C 299 -2.82 17.44 8.51
C LEU C 299 -2.09 17.57 9.84
N SER C 300 -1.47 16.49 10.31
CA SER C 300 -0.75 16.53 11.57
C SER C 300 0.42 17.48 11.51
N GLU C 301 1.14 17.51 10.39
CA GLU C 301 2.30 18.38 10.27
C GLU C 301 1.91 19.85 10.11
N ASN C 302 0.75 20.14 9.55
CA ASN C 302 0.40 21.52 9.23
C ASN C 302 -0.50 22.19 10.28
N LEU C 303 -1.35 21.44 10.97
CA LEU C 303 -2.32 22.07 11.87
C LEU C 303 -1.63 22.78 13.03
N SER C 304 -0.72 22.07 13.71
CA SER C 304 -0.03 22.68 14.85
C SER C 304 0.83 23.86 14.42
N LEU C 305 1.51 23.74 13.28
CA LEU C 305 2.32 24.83 12.77
C LEU C 305 1.46 26.06 12.48
N PHE C 306 0.30 25.86 11.84
CA PHE C 306 -0.58 26.97 11.53
C PHE C 306 -1.08 27.63 12.80
N LEU C 307 -1.52 26.85 13.78
CA LEU C 307 -2.02 27.42 15.02
C LEU C 307 -0.94 28.18 15.76
N TRP C 308 0.27 27.62 15.83
CA TRP C 308 1.36 28.26 16.55
C TRP C 308 1.73 29.59 15.90
N TYR C 309 1.93 29.61 14.58
CA TYR C 309 2.28 30.86 13.94
C TYR C 309 1.12 31.85 13.95
N LEU C 310 -0.13 31.37 13.93
CA LEU C 310 -1.27 32.29 14.04
C LEU C 310 -1.27 33.00 15.39
N VAL C 311 -1.09 32.25 16.48
CA VAL C 311 -1.13 32.89 17.79
C VAL C 311 0.08 33.80 17.99
N ARG C 312 1.25 33.39 17.50
CA ARG C 312 2.41 34.26 17.62
C ARG C 312 2.25 35.53 16.80
N GLY C 313 1.70 35.43 15.58
CA GLY C 313 1.45 36.62 14.80
C GLY C 313 0.41 37.52 15.43
N LEU C 314 -0.59 36.93 16.09
CA LEU C 314 -1.58 37.74 16.80
C LEU C 314 -0.94 38.50 17.94
N CYS C 315 -0.06 37.85 18.71
CA CYS C 315 0.65 38.55 19.78
C CYS C 315 1.53 39.67 19.23
N LEU C 316 2.24 39.39 18.14
CA LEU C 316 3.09 40.41 17.53
C LEU C 316 2.27 41.59 17.03
N LEU C 317 1.12 41.32 16.42
CA LEU C 317 0.24 42.39 15.96
C LEU C 317 -0.32 43.19 17.12
N GLY C 318 -0.64 42.52 18.23
CA GLY C 318 -1.09 43.22 19.42
C GLY C 318 -0.04 44.16 19.96
N ILE C 319 1.23 43.74 19.92
CA ILE C 319 2.31 44.65 20.33
C ILE C 319 2.45 45.80 19.34
N MET C 320 2.38 45.50 18.04
CA MET C 320 2.54 46.54 17.03
C MET C 320 1.42 47.58 17.12
N LEU C 321 0.23 47.15 17.55
CA LEU C 321 -0.86 48.11 17.74
C LEU C 321 -0.50 49.15 18.80
N TRP C 322 0.15 48.73 19.88
CA TRP C 322 0.68 49.70 20.84
C TRP C 322 1.85 50.49 20.24
N GLY C 323 2.58 49.88 19.31
CA GLY C 323 3.66 50.61 18.65
C GLY C 323 3.17 51.80 17.84
N SER C 324 2.24 51.56 16.91
CA SER C 324 1.68 52.62 16.08
C SER C 324 0.41 52.11 15.43
N VAL C 325 -0.69 52.85 15.60
CA VAL C 325 -1.99 52.36 15.11
C VAL C 325 -2.08 52.46 13.59
N SER C 326 -1.72 53.62 13.04
CA SER C 326 -1.95 53.87 11.62
C SER C 326 -1.14 52.93 10.72
N LEU C 327 0.13 52.74 11.05
CA LEU C 327 0.97 51.88 10.22
C LEU C 327 0.54 50.43 10.31
N THR C 328 0.08 49.98 11.48
CA THR C 328 -0.51 48.64 11.57
C THR C 328 -1.74 48.55 10.68
N MET C 329 -2.54 49.61 10.63
CA MET C 329 -3.72 49.61 9.77
C MET C 329 -3.34 49.48 8.30
N VAL C 330 -2.33 50.24 7.85
CA VAL C 330 -1.97 50.16 6.43
C VAL C 330 -1.35 48.80 6.11
N THR C 331 -0.58 48.24 7.05
CA THR C 331 -0.03 46.90 6.83
C THR C 331 -1.15 45.86 6.70
N LEU C 332 -2.14 45.91 7.59
CA LEU C 332 -3.27 44.99 7.48
C LEU C 332 -4.06 45.24 6.21
N ILE C 333 -4.06 46.48 5.72
CA ILE C 333 -4.78 46.78 4.48
C ILE C 333 -4.07 46.16 3.28
N THR C 334 -2.74 46.26 3.23
CA THR C 334 -2.02 45.70 2.09
C THR C 334 -1.79 44.20 2.20
N LEU C 335 -2.03 43.61 3.37
CA LEU C 335 -1.84 42.17 3.53
C LEU C 335 -2.69 41.31 2.58
N PRO C 336 -3.99 41.57 2.38
CA PRO C 336 -4.77 40.67 1.51
C PRO C 336 -4.31 40.62 0.06
N LEU C 337 -3.54 41.62 -0.40
CA LEU C 337 -3.09 41.61 -1.78
C LEU C 337 -2.17 40.42 -2.06
N LEU C 338 -1.40 39.98 -1.07
CA LEU C 338 -0.43 38.91 -1.27
C LEU C 338 -1.08 37.55 -1.48
N PHE C 339 -2.37 37.40 -1.18
CA PHE C 339 -3.03 36.11 -1.32
C PHE C 339 -3.52 35.83 -2.73
N LEU C 340 -3.46 36.82 -3.63
CA LEU C 340 -4.10 36.66 -4.93
C LEU C 340 -3.40 35.61 -5.79
N LEU C 341 -2.08 35.66 -5.88
CA LEU C 341 -1.36 34.71 -6.72
C LEU C 341 -1.53 33.27 -6.26
N PRO C 342 -1.32 32.92 -4.98
CA PRO C 342 -1.60 31.54 -4.55
C PRO C 342 -3.04 31.13 -4.79
N LYS C 343 -4.00 32.04 -4.59
CA LYS C 343 -5.39 31.70 -4.87
C LYS C 343 -5.60 31.41 -6.35
N LYS C 344 -4.91 32.16 -7.23
CA LYS C 344 -5.04 31.90 -8.65
C LYS C 344 -4.40 30.58 -9.07
N VAL C 345 -3.31 30.19 -8.40
CA VAL C 345 -2.59 28.97 -8.81
C VAL C 345 -3.03 27.77 -7.99
N GLY C 346 -4.04 27.96 -7.13
CA GLY C 346 -4.52 26.90 -6.27
C GLY C 346 -4.93 25.59 -6.90
N LYS C 347 -5.75 25.62 -7.95
CA LYS C 347 -6.27 24.38 -8.52
C LYS C 347 -5.17 23.50 -9.10
N TRP C 348 -4.12 24.12 -9.65
CA TRP C 348 -3.08 23.38 -10.36
C TRP C 348 -2.47 22.30 -9.48
N TYR C 349 -2.24 22.62 -8.21
CA TYR C 349 -1.72 21.63 -7.27
C TYR C 349 -2.67 20.44 -7.12
N GLN C 350 -3.97 20.72 -7.05
CA GLN C 350 -4.95 19.64 -6.92
C GLN C 350 -4.92 18.72 -8.13
N LEU C 351 -5.01 19.29 -9.34
CA LEU C 351 -5.00 18.44 -10.52
C LEU C 351 -3.66 17.73 -10.71
N LEU C 352 -2.57 18.29 -10.22
CA LEU C 352 -1.28 17.60 -10.34
C LEU C 352 -1.20 16.43 -9.36
N GLU C 353 -1.61 16.66 -8.10
CA GLU C 353 -1.56 15.61 -7.10
C GLU C 353 -2.52 14.48 -7.41
N VAL C 354 -3.67 14.77 -8.02
CA VAL C 354 -4.58 13.71 -8.39
C VAL C 354 -3.92 12.74 -9.38
N GLN C 355 -3.24 13.30 -10.38
CA GLN C 355 -2.52 12.46 -11.34
C GLN C 355 -1.41 11.66 -10.68
N VAL C 356 -0.66 12.30 -9.78
CA VAL C 356 0.43 11.57 -9.10
C VAL C 356 -0.13 10.39 -8.31
N ARG C 357 -1.22 10.62 -7.57
CA ARG C 357 -1.78 9.55 -6.75
C ARG C 357 -2.36 8.44 -7.60
N GLU C 358 -3.03 8.79 -8.71
CA GLU C 358 -3.58 7.74 -9.56
C GLU C 358 -2.48 6.93 -10.23
N SER C 359 -1.36 7.57 -10.59
CA SER C 359 -0.24 6.81 -11.12
C SER C 359 0.36 5.88 -10.07
N LEU C 360 0.45 6.32 -8.83
CA LEU C 360 0.91 5.44 -7.75
C LEU C 360 -0.01 4.23 -7.61
N ALA C 361 -1.32 4.46 -7.64
CA ALA C 361 -2.27 3.36 -7.52
C ALA C 361 -2.14 2.39 -8.68
N LYS C 362 -1.97 2.90 -9.90
CA LYS C 362 -1.81 2.03 -11.05
C LYS C 362 -0.55 1.19 -10.94
N SER C 363 0.54 1.80 -10.43
CA SER C 363 1.77 1.04 -10.21
C SER C 363 1.57 -0.06 -9.17
N SER C 364 0.86 0.25 -8.08
CA SER C 364 0.60 -0.75 -7.06
C SER C 364 -0.22 -1.91 -7.61
N GLN C 365 -1.17 -1.62 -8.51
CA GLN C 365 -1.94 -2.69 -9.12
C GLN C 365 -1.04 -3.68 -9.87
N VAL C 366 -0.12 -3.16 -10.68
CA VAL C 366 0.78 -4.03 -11.42
C VAL C 366 1.67 -4.82 -10.48
N ALA C 367 2.16 -4.17 -9.42
CA ALA C 367 3.01 -4.88 -8.46
C ALA C 367 2.27 -6.05 -7.82
N ILE C 368 1.04 -5.81 -7.36
CA ILE C 368 0.26 -6.87 -6.73
C ILE C 368 -0.05 -7.98 -7.72
N GLU C 369 -0.45 -7.62 -8.95
CA GLU C 369 -0.79 -8.65 -9.93
C GLU C 369 0.41 -9.51 -10.27
N ALA C 370 1.60 -8.91 -10.33
CA ALA C 370 2.80 -9.69 -10.59
C ALA C 370 3.16 -10.59 -9.42
N LEU C 371 3.03 -10.07 -8.19
CA LEU C 371 3.48 -10.83 -7.02
C LEU C 371 2.52 -11.98 -6.71
N SER C 372 1.22 -11.79 -6.93
CA SER C 372 0.25 -12.79 -6.50
C SER C 372 0.32 -14.06 -7.33
N ALA C 373 0.64 -13.95 -8.62
CA ALA C 373 0.65 -15.08 -9.53
C ALA C 373 2.06 -15.49 -9.96
N MET C 374 3.00 -15.48 -9.01
CA MET C 374 4.39 -15.72 -9.34
C MET C 374 4.67 -17.05 -10.05
N PRO C 375 4.08 -18.18 -9.67
CA PRO C 375 4.37 -19.42 -10.42
C PRO C 375 4.06 -19.32 -11.91
N THR C 376 2.98 -18.64 -12.27
CA THR C 376 2.64 -18.50 -13.69
C THR C 376 3.62 -17.58 -14.40
N VAL C 377 4.04 -16.49 -13.75
CA VAL C 377 5.02 -15.60 -14.34
C VAL C 377 6.35 -16.34 -14.56
N ARG C 378 6.76 -17.13 -13.57
CA ARG C 378 7.99 -17.91 -13.72
C ARG C 378 7.86 -18.95 -14.83
N SER C 379 6.69 -19.58 -14.94
CA SER C 379 6.51 -20.64 -15.92
C SER C 379 6.66 -20.11 -17.35
N PHE C 380 6.10 -18.93 -17.63
CA PHE C 380 6.14 -18.36 -18.96
C PHE C 380 7.28 -17.36 -19.15
N ALA C 381 8.14 -17.19 -18.15
CA ALA C 381 9.35 -16.38 -18.24
C ALA C 381 9.05 -14.94 -18.65
N ASN C 382 8.00 -14.35 -18.09
CA ASN C 382 7.66 -12.96 -18.35
C ASN C 382 8.10 -12.01 -17.24
N GLU C 383 9.18 -12.34 -16.52
CA GLU C 383 9.62 -11.50 -15.42
C GLU C 383 10.04 -10.11 -15.91
N GLU C 384 10.84 -10.06 -16.98
CA GLU C 384 11.27 -8.78 -17.52
C GLU C 384 10.10 -7.97 -18.07
N GLY C 385 9.07 -8.63 -18.58
CA GLY C 385 7.88 -7.93 -19.02
C GLY C 385 7.18 -7.23 -17.88
N GLU C 386 7.05 -7.92 -16.74
CA GLU C 386 6.46 -7.31 -15.56
C GLU C 386 7.31 -6.13 -15.07
N ALA C 387 8.64 -6.30 -15.09
CA ALA C 387 9.52 -5.21 -14.66
C ALA C 387 9.35 -3.99 -15.56
N GLN C 388 9.29 -4.20 -16.88
CA GLN C 388 9.12 -3.11 -17.82
C GLN C 388 7.76 -2.43 -17.63
N LYS C 389 6.72 -3.22 -17.42
CA LYS C 389 5.39 -2.66 -17.21
C LYS C 389 5.33 -1.83 -15.94
N PHE C 390 6.06 -2.22 -14.90
CA PHE C 390 6.17 -1.41 -13.70
C PHE C 390 6.96 -0.13 -13.97
N ARG C 391 7.99 -0.25 -14.80
CA ARG C 391 8.86 0.90 -15.09
C ARG C 391 8.13 1.97 -15.87
N GLU C 392 7.17 1.57 -16.72
CA GLU C 392 6.37 2.60 -17.41
C GLU C 392 5.60 3.48 -16.41
N LYS C 393 4.97 2.86 -15.41
CA LYS C 393 4.27 3.66 -14.41
C LYS C 393 5.24 4.50 -13.60
N LEU C 394 6.41 3.96 -13.28
CA LEU C 394 7.42 4.77 -12.58
C LEU C 394 7.84 5.97 -13.42
N GLN C 395 7.99 5.79 -14.72
CA GLN C 395 8.33 6.90 -15.61
C GLN C 395 7.22 7.94 -15.64
N GLU C 396 5.97 7.49 -15.67
CA GLU C 396 4.85 8.43 -15.65
C GLU C 396 4.83 9.24 -14.37
N ILE C 397 5.24 8.65 -13.25
CA ILE C 397 5.35 9.39 -11.99
C ILE C 397 6.51 10.38 -12.05
N LYS C 398 7.65 9.92 -12.59
CA LYS C 398 8.84 10.76 -12.67
C LYS C 398 8.60 12.00 -13.53
N THR C 399 7.74 11.88 -14.54
CA THR C 399 7.42 13.05 -15.36
C THR C 399 6.71 14.14 -14.56
N LEU C 400 5.80 13.77 -13.67
CA LEU C 400 5.06 14.76 -12.88
C LEU C 400 5.90 15.33 -11.74
N ASN C 401 6.81 14.52 -11.20
CA ASN C 401 7.63 14.99 -10.09
C ASN C 401 8.48 16.21 -10.46
N GLN C 402 8.93 16.30 -11.71
CA GLN C 402 9.71 17.45 -12.15
C GLN C 402 8.88 18.73 -12.09
N LYS C 403 7.64 18.68 -12.59
CA LYS C 403 6.76 19.83 -12.51
C LYS C 403 6.47 20.20 -11.06
N GLU C 404 6.33 19.20 -10.19
CA GLU C 404 6.17 19.49 -8.77
C GLU C 404 7.36 20.28 -8.23
N ALA C 405 8.58 19.85 -8.53
CA ALA C 405 9.76 20.54 -8.02
C ALA C 405 9.85 21.96 -8.56
N VAL C 406 9.55 22.15 -9.85
CA VAL C 406 9.60 23.47 -10.45
C VAL C 406 8.58 24.41 -9.80
N ALA C 407 7.37 23.90 -9.56
CA ALA C 407 6.36 24.72 -8.89
C ALA C 407 6.80 25.08 -7.48
N TYR C 408 7.40 24.12 -6.76
CA TYR C 408 7.95 24.41 -5.44
C TYR C 408 8.95 25.55 -5.50
N ALA C 409 9.88 25.49 -6.45
CA ALA C 409 10.92 26.52 -6.54
C ALA C 409 10.32 27.90 -6.83
N VAL C 410 9.39 27.96 -7.78
CA VAL C 410 8.83 29.26 -8.15
C VAL C 410 8.00 29.83 -7.01
N ASN C 411 7.28 28.97 -6.29
CA ASN C 411 6.52 29.44 -5.13
C ASN C 411 7.44 29.96 -4.04
N SER C 412 8.57 29.28 -3.82
CA SER C 412 9.52 29.74 -2.81
C SER C 412 10.14 31.07 -3.21
N TRP C 413 10.32 31.33 -4.51
CA TRP C 413 10.73 32.66 -4.94
C TRP C 413 9.66 33.69 -4.59
N THR C 414 8.42 33.43 -5.01
CA THR C 414 7.37 34.44 -4.90
C THR C 414 7.05 34.80 -3.47
N THR C 415 6.97 33.80 -2.57
CA THR C 415 6.60 34.10 -1.20
C THR C 415 7.63 35.00 -0.52
N SER C 416 8.92 34.73 -0.76
CA SER C 416 9.97 35.55 -0.17
C SER C 416 9.97 36.96 -0.77
N ILE C 417 9.74 37.07 -2.08
CA ILE C 417 9.70 38.38 -2.71
C ILE C 417 8.57 39.21 -2.10
N SER C 418 7.39 38.62 -1.95
CA SER C 418 6.27 39.34 -1.37
C SER C 418 6.55 39.71 0.09
N GLY C 419 7.16 38.79 0.85
CA GLY C 419 7.48 39.09 2.22
C GLY C 419 8.42 40.27 2.38
N MET C 420 9.44 40.36 1.53
CA MET C 420 10.35 41.50 1.64
C MET C 420 9.67 42.78 1.16
N LEU C 421 8.85 42.68 0.10
CA LEU C 421 8.13 43.84 -0.39
C LEU C 421 7.23 44.44 0.69
N LEU C 422 6.63 43.58 1.52
CA LEU C 422 5.76 44.07 2.58
C LEU C 422 6.51 45.00 3.53
N LYS C 423 7.73 44.63 3.92
CA LYS C 423 8.48 45.47 4.83
C LYS C 423 9.06 46.69 4.12
N VAL C 424 9.40 46.56 2.84
CA VAL C 424 9.97 47.71 2.14
C VAL C 424 8.92 48.80 1.93
N GLY C 425 7.70 48.42 1.60
CA GLY C 425 6.64 49.38 1.34
C GLY C 425 6.16 50.12 2.57
N ILE C 426 6.63 49.70 3.75
CA ILE C 426 6.26 50.37 4.99
C ILE C 426 7.48 51.08 5.58
N LEU C 427 8.69 50.59 5.28
CA LEU C 427 9.88 51.40 5.52
C LEU C 427 9.81 52.70 4.74
N TYR C 428 9.33 52.64 3.50
CA TYR C 428 9.14 53.86 2.72
C TYR C 428 8.17 54.81 3.41
N ILE C 429 7.09 54.27 3.97
CA ILE C 429 6.11 55.12 4.65
C ILE C 429 6.70 55.74 5.91
N GLY C 430 7.51 54.98 6.64
CA GLY C 430 8.19 55.56 7.80
C GLY C 430 9.13 56.69 7.41
N GLY C 431 9.85 56.51 6.30
CA GLY C 431 10.70 57.58 5.81
C GLY C 431 9.92 58.84 5.45
N GLN C 432 8.73 58.67 4.85
CA GLN C 432 7.87 59.82 4.58
C GLN C 432 7.36 60.44 5.86
N LEU C 433 7.04 59.61 6.86
CA LEU C 433 6.51 60.12 8.13
C LEU C 433 7.56 60.97 8.84
N VAL C 434 8.81 60.53 8.85
CA VAL C 434 9.86 61.33 9.44
C VAL C 434 10.25 62.46 8.49
N SER C 441 8.40 60.57 16.57
CA SER C 441 8.77 59.74 15.44
C SER C 441 9.96 58.86 15.77
N GLY C 442 10.56 59.08 16.95
CA GLY C 442 11.70 58.29 17.37
C GLY C 442 11.37 56.88 17.76
N ASN C 443 10.10 56.60 18.08
CA ASN C 443 9.71 55.25 18.50
C ASN C 443 9.49 54.31 17.32
N LEU C 444 9.80 54.75 16.09
CA LEU C 444 9.59 53.90 14.93
C LEU C 444 10.49 52.67 14.95
N VAL C 445 11.60 52.72 15.69
CA VAL C 445 12.56 51.63 15.66
C VAL C 445 11.95 50.34 16.20
N THR C 446 11.25 50.42 17.33
CA THR C 446 10.60 49.22 17.88
C THR C 446 9.54 48.67 16.93
N PHE C 447 8.75 49.56 16.33
CA PHE C 447 7.69 49.11 15.44
C PHE C 447 8.27 48.42 14.22
N VAL C 448 9.36 48.95 13.66
CA VAL C 448 10.00 48.29 12.52
C VAL C 448 10.57 46.94 12.93
N LEU C 449 11.21 46.87 14.10
CA LEU C 449 11.75 45.58 14.53
C LEU C 449 10.66 44.55 14.80
N TYR C 450 9.44 44.99 15.11
CA TYR C 450 8.33 44.04 15.21
C TYR C 450 7.70 43.71 13.86
N GLN C 451 7.70 44.66 12.93
CA GLN C 451 7.19 44.40 11.59
C GLN C 451 8.07 43.38 10.87
N MET C 452 9.39 43.44 11.07
CA MET C 452 10.26 42.47 10.43
C MET C 452 10.07 41.06 10.96
N GLN C 453 9.34 40.89 12.06
CA GLN C 453 8.98 39.55 12.54
C GLN C 453 7.57 39.16 12.12
N PHE C 454 6.64 40.13 12.13
CA PHE C 454 5.32 39.88 11.58
C PHE C 454 5.40 39.45 10.13
N THR C 455 6.34 40.04 9.38
CA THR C 455 6.48 39.67 7.97
C THR C 455 6.98 38.25 7.81
N GLN C 456 7.84 37.76 8.71
CA GLN C 456 8.24 36.35 8.65
C GLN C 456 7.11 35.43 9.02
N ALA C 457 6.28 35.81 10.00
CA ALA C 457 5.09 35.02 10.29
C ALA C 457 4.19 34.93 9.06
N VAL C 458 3.98 36.06 8.37
CA VAL C 458 3.19 36.06 7.16
C VAL C 458 3.83 35.19 6.08
N GLU C 459 5.17 35.23 5.99
CA GLU C 459 5.87 34.41 5.00
C GLU C 459 5.64 32.92 5.25
N VAL C 460 5.66 32.50 6.51
CA VAL C 460 5.39 31.10 6.82
C VAL C 460 3.94 30.74 6.50
N LEU C 461 3.01 31.62 6.89
CA LEU C 461 1.60 31.35 6.59
C LEU C 461 1.35 31.30 5.10
N LEU C 462 2.14 32.00 4.30
CA LEU C 462 2.00 31.92 2.85
C LEU C 462 2.47 30.59 2.29
N SER C 463 3.54 30.02 2.83
CA SER C 463 3.98 28.69 2.42
C SER C 463 3.05 27.59 2.92
N ILE C 464 2.25 27.87 3.95
CA ILE C 464 1.26 26.89 4.39
C ILE C 464 0.25 26.59 3.28
N TYR C 465 -0.15 27.59 2.51
CA TYR C 465 -1.27 27.45 1.57
C TYR C 465 -1.06 26.39 0.51
N PRO C 466 0.07 26.34 -0.22
CA PRO C 466 0.21 25.31 -1.26
C PRO C 466 0.11 23.90 -0.73
N ARG C 467 0.58 23.65 0.49
CA ARG C 467 0.44 22.31 1.07
C ARG C 467 -1.02 21.98 1.39
N VAL C 468 -1.80 22.98 1.79
CA VAL C 468 -3.23 22.77 1.98
C VAL C 468 -3.88 22.39 0.66
N GLN C 469 -3.53 23.10 -0.41
CA GLN C 469 -4.08 22.77 -1.73
C GLN C 469 -3.67 21.36 -2.16
N LYS C 470 -2.41 21.00 -1.93
CA LYS C 470 -1.94 19.66 -2.29
C LYS C 470 -2.68 18.59 -1.50
N ALA C 471 -2.90 18.83 -0.21
CA ALA C 471 -3.65 17.88 0.60
C ALA C 471 -5.09 17.75 0.13
N VAL C 472 -5.72 18.86 -0.26
CA VAL C 472 -7.07 18.79 -0.81
C VAL C 472 -7.08 17.96 -2.08
N GLY C 473 -6.09 18.14 -2.94
CA GLY C 473 -6.00 17.38 -4.17
C GLY C 473 -5.76 15.90 -3.96
N SER C 474 -4.92 15.56 -2.99
CA SER C 474 -4.54 14.17 -2.78
C SER C 474 -5.73 13.32 -2.33
N SER C 475 -6.59 13.89 -1.49
CA SER C 475 -7.70 13.15 -0.89
C SER C 475 -8.95 13.14 -1.77
N GLU C 476 -8.80 13.28 -3.09
CA GLU C 476 -9.97 13.33 -3.96
C GLU C 476 -10.72 12.02 -3.98
N LYS C 477 -10.01 10.89 -4.07
CA LYS C 477 -10.68 9.60 -4.24
C LYS C 477 -11.25 9.06 -2.95
N ILE C 478 -10.58 9.29 -1.83
CA ILE C 478 -11.08 8.76 -0.56
C ILE C 478 -12.35 9.49 -0.13
N PHE C 479 -12.42 10.79 -0.38
CA PHE C 479 -13.64 11.55 -0.08
C PHE C 479 -14.71 11.39 -1.15
N GLU C 480 -14.44 10.58 -2.17
CA GLU C 480 -15.47 10.08 -3.07
C GLU C 480 -15.97 8.71 -2.62
N TYR C 481 -15.05 7.85 -2.18
CA TYR C 481 -15.43 6.57 -1.59
C TYR C 481 -16.32 6.77 -0.37
N LEU C 482 -15.97 7.75 0.47
CA LEU C 482 -16.70 7.96 1.72
C LEU C 482 -18.16 8.34 1.51
N ASP C 483 -18.51 8.90 0.35
CA ASP C 483 -19.87 9.35 0.12
C ASP C 483 -20.49 8.88 -1.18
N ARG C 484 -19.88 7.94 -1.90
CA ARG C 484 -20.48 7.44 -3.12
C ARG C 484 -21.62 6.48 -2.79
N THR C 485 -22.81 6.79 -3.30
CA THR C 485 -23.99 6.00 -2.97
C THR C 485 -23.96 4.67 -3.71
N PRO C 486 -24.04 3.54 -3.00
CA PRO C 486 -24.07 2.25 -3.68
C PRO C 486 -25.35 2.03 -4.46
N ARG C 487 -25.25 1.23 -5.52
CA ARG C 487 -26.41 0.91 -6.35
C ARG C 487 -27.28 -0.20 -5.77
N CYS C 488 -26.78 -0.94 -4.78
CA CYS C 488 -27.56 -2.05 -4.22
C CYS C 488 -28.75 -1.52 -3.42
N PRO C 489 -29.85 -2.25 -3.39
CA PRO C 489 -30.94 -1.90 -2.49
C PRO C 489 -30.57 -2.19 -1.05
N PRO C 490 -31.07 -1.39 -0.11
CA PRO C 490 -30.72 -1.63 1.30
C PRO C 490 -31.30 -2.93 1.81
N SER C 491 -30.59 -3.54 2.75
CA SER C 491 -31.02 -4.81 3.33
C SER C 491 -32.24 -4.60 4.22
N GLY C 492 -33.14 -5.58 4.21
CA GLY C 492 -34.34 -5.52 5.02
C GLY C 492 -34.11 -5.97 6.44
N LEU C 493 -35.20 -6.35 7.11
CA LEU C 493 -35.15 -6.77 8.50
C LEU C 493 -35.99 -8.02 8.76
N LEU C 494 -36.29 -8.80 7.73
CA LEU C 494 -37.07 -10.01 7.92
C LEU C 494 -36.18 -11.16 8.37
N THR C 495 -36.45 -11.69 9.57
CA THR C 495 -35.71 -12.82 10.11
C THR C 495 -36.68 -13.86 10.67
N PRO C 496 -37.36 -14.59 9.79
CA PRO C 496 -38.24 -15.67 10.26
C PRO C 496 -37.45 -16.74 11.00
N LEU C 497 -38.03 -17.26 12.07
CA LEU C 497 -37.36 -18.29 12.85
C LEU C 497 -37.36 -19.65 12.15
N HIS C 498 -38.34 -19.90 11.29
CA HIS C 498 -38.41 -21.13 10.52
C HIS C 498 -38.62 -20.78 9.05
N LEU C 499 -37.88 -21.45 8.17
CA LEU C 499 -37.91 -21.13 6.76
C LEU C 499 -37.80 -22.42 5.94
N GLU C 500 -38.38 -22.40 4.75
CA GLU C 500 -38.30 -23.50 3.81
C GLU C 500 -37.77 -22.98 2.48
N GLY C 501 -36.90 -23.76 1.86
CA GLY C 501 -36.20 -23.32 0.66
C GLY C 501 -37.04 -23.35 -0.60
N LEU C 502 -38.19 -22.69 -0.59
CA LEU C 502 -39.02 -22.57 -1.78
C LEU C 502 -38.49 -21.42 -2.63
N VAL C 503 -37.73 -21.76 -3.67
CA VAL C 503 -37.12 -20.78 -4.57
C VAL C 503 -37.76 -20.92 -5.94
N GLN C 504 -38.23 -19.81 -6.49
CA GLN C 504 -38.91 -19.81 -7.78
C GLN C 504 -38.51 -18.58 -8.57
N PHE C 505 -38.46 -18.73 -9.90
CA PHE C 505 -38.09 -17.66 -10.81
C PHE C 505 -39.30 -17.32 -11.67
N GLN C 506 -39.55 -16.02 -11.85
CA GLN C 506 -40.66 -15.54 -12.67
C GLN C 506 -40.11 -14.66 -13.78
N ASP C 507 -39.84 -15.28 -14.94
CA ASP C 507 -39.41 -14.56 -16.14
C ASP C 507 -38.16 -13.71 -15.87
N VAL C 508 -37.18 -14.32 -15.19
CA VAL C 508 -35.98 -13.59 -14.81
C VAL C 508 -35.09 -13.38 -16.02
N SER C 509 -34.66 -12.14 -16.23
CA SER C 509 -33.70 -11.81 -17.27
C SER C 509 -32.62 -10.92 -16.66
N PHE C 510 -31.40 -11.07 -17.16
CA PHE C 510 -30.25 -10.40 -16.55
C PHE C 510 -29.27 -9.98 -17.63
N ALA C 511 -28.51 -8.92 -17.32
CA ALA C 511 -27.45 -8.44 -18.20
C ALA C 511 -26.37 -7.82 -17.34
N TYR C 512 -25.12 -8.21 -17.58
CA TYR C 512 -24.03 -7.73 -16.75
C TYR C 512 -23.85 -6.22 -16.94
N PRO C 513 -23.50 -5.49 -15.87
CA PRO C 513 -23.50 -4.02 -15.97
C PRO C 513 -22.57 -3.45 -17.02
N ASN C 514 -21.41 -4.04 -17.26
CA ASN C 514 -20.46 -3.48 -18.22
C ASN C 514 -20.87 -3.73 -19.66
N ARG C 515 -21.77 -4.67 -19.93
CA ARG C 515 -22.34 -4.88 -21.26
C ARG C 515 -23.85 -5.00 -21.15
N PRO C 516 -24.54 -3.91 -20.82
CA PRO C 516 -26.00 -3.99 -20.61
C PRO C 516 -26.79 -4.27 -21.87
N ASP C 517 -26.21 -4.06 -23.06
CA ASP C 517 -26.95 -4.27 -24.29
C ASP C 517 -27.11 -5.75 -24.63
N VAL C 518 -26.37 -6.63 -23.97
CA VAL C 518 -26.40 -8.06 -24.25
C VAL C 518 -27.08 -8.75 -23.07
N LEU C 519 -28.20 -9.41 -23.36
CA LEU C 519 -28.92 -10.14 -22.31
C LEU C 519 -28.30 -11.52 -22.14
N VAL C 520 -27.74 -11.77 -20.95
CA VAL C 520 -27.13 -13.07 -20.69
C VAL C 520 -28.19 -14.14 -20.42
N LEU C 521 -29.30 -13.77 -19.79
CA LEU C 521 -30.37 -14.69 -19.46
C LEU C 521 -31.67 -14.20 -20.07
N GLN C 522 -32.47 -15.13 -20.60
CA GLN C 522 -33.69 -14.79 -21.34
C GLN C 522 -34.87 -15.53 -20.71
N GLY C 523 -35.50 -14.89 -19.73
CA GLY C 523 -36.77 -15.36 -19.22
C GLY C 523 -36.78 -16.73 -18.57
N LEU C 524 -35.83 -17.01 -17.68
CA LEU C 524 -35.82 -18.28 -16.97
C LEU C 524 -37.03 -18.38 -16.04
N THR C 525 -37.48 -19.62 -15.81
CA THR C 525 -38.60 -19.87 -14.91
C THR C 525 -38.50 -21.31 -14.43
N PHE C 526 -38.21 -21.48 -13.14
CA PHE C 526 -38.16 -22.79 -12.53
C PHE C 526 -38.35 -22.64 -11.03
N THR C 527 -38.68 -23.75 -10.38
CA THR C 527 -39.05 -23.74 -8.97
C THR C 527 -38.29 -24.83 -8.22
N LEU C 528 -37.76 -24.48 -7.06
CA LEU C 528 -37.13 -25.44 -6.16
C LEU C 528 -38.01 -25.68 -4.94
N ARG C 529 -37.97 -26.89 -4.42
CA ARG C 529 -38.77 -27.29 -3.28
C ARG C 529 -37.91 -28.10 -2.32
N PRO C 530 -38.24 -28.08 -1.03
CA PRO C 530 -37.46 -28.86 -0.06
C PRO C 530 -37.49 -30.35 -0.37
N GLY C 531 -36.35 -31.00 -0.17
CA GLY C 531 -36.22 -32.42 -0.37
C GLY C 531 -35.90 -32.84 -1.78
N GLU C 532 -36.03 -31.95 -2.76
CA GLU C 532 -35.74 -32.28 -4.15
C GLU C 532 -34.37 -31.74 -4.55
N VAL C 533 -33.76 -32.42 -5.50
CA VAL C 533 -32.47 -32.02 -6.07
C VAL C 533 -32.69 -31.65 -7.53
N THR C 534 -32.37 -30.41 -7.90
CA THR C 534 -32.55 -29.91 -9.25
C THR C 534 -31.18 -29.71 -9.87
N ALA C 535 -30.98 -30.33 -11.04
CA ALA C 535 -29.69 -30.29 -11.72
C ALA C 535 -29.75 -29.32 -12.89
N LEU C 536 -28.84 -28.36 -12.91
CA LEU C 536 -28.71 -27.40 -14.00
C LEU C 536 -27.55 -27.82 -14.88
N VAL C 537 -27.85 -28.12 -16.14
CA VAL C 537 -26.87 -28.68 -17.07
C VAL C 537 -26.87 -27.84 -18.34
N GLY C 538 -25.67 -27.57 -18.86
CA GLY C 538 -25.54 -26.81 -20.08
C GLY C 538 -24.10 -26.68 -20.53
N PRO C 539 -23.90 -26.17 -21.75
CA PRO C 539 -22.54 -25.99 -22.26
C PRO C 539 -21.82 -24.87 -21.52
N ASN C 540 -20.54 -24.72 -21.85
CA ASN C 540 -19.73 -23.67 -21.22
C ASN C 540 -20.22 -22.30 -21.65
N GLY C 541 -20.26 -21.38 -20.69
CA GLY C 541 -20.68 -20.02 -20.96
C GLY C 541 -22.16 -19.84 -21.22
N SER C 542 -23.00 -20.79 -20.79
CA SER C 542 -24.44 -20.67 -21.00
C SER C 542 -25.13 -19.85 -19.92
N GLY C 543 -24.47 -19.58 -18.80
CA GLY C 543 -25.04 -18.75 -17.75
C GLY C 543 -25.32 -19.47 -16.44
N LYS C 544 -24.75 -20.65 -16.19
CA LYS C 544 -25.05 -21.38 -14.96
C LYS C 544 -24.53 -20.63 -13.73
N SER C 545 -23.25 -20.25 -13.77
CA SER C 545 -22.67 -19.50 -12.66
C SER C 545 -23.33 -18.15 -12.48
N THR C 546 -23.85 -17.56 -13.55
CA THR C 546 -24.61 -16.32 -13.41
C THR C 546 -25.91 -16.57 -12.65
N VAL C 547 -26.57 -17.69 -12.92
CA VAL C 547 -27.76 -18.06 -12.14
C VAL C 547 -27.39 -18.25 -10.68
N ALA C 548 -26.27 -18.92 -10.42
CA ALA C 548 -25.83 -19.11 -9.04
C ALA C 548 -25.57 -17.78 -8.35
N ALA C 549 -24.92 -16.85 -9.05
CA ALA C 549 -24.67 -15.53 -8.48
C ALA C 549 -25.96 -14.77 -8.21
N LEU C 550 -26.92 -14.84 -9.13
CA LEU C 550 -28.20 -14.19 -8.92
C LEU C 550 -28.92 -14.78 -7.71
N LEU C 551 -28.83 -16.10 -7.54
CA LEU C 551 -29.48 -16.73 -6.39
C LEU C 551 -28.85 -16.29 -5.07
N GLN C 552 -27.58 -15.94 -5.07
CA GLN C 552 -26.89 -15.49 -3.86
C GLN C 552 -27.02 -13.99 -3.63
N ASN C 553 -27.85 -13.31 -4.43
CA ASN C 553 -28.14 -11.89 -4.26
C ASN C 553 -26.88 -11.02 -4.47
N LEU C 554 -25.94 -11.51 -5.27
CA LEU C 554 -24.80 -10.67 -5.64
C LEU C 554 -25.23 -9.60 -6.64
N TYR C 555 -26.02 -9.98 -7.64
CA TYR C 555 -26.52 -9.06 -8.64
C TYR C 555 -28.05 -9.02 -8.59
N GLN C 556 -28.60 -7.88 -8.94
CA GLN C 556 -30.05 -7.82 -9.00
C GLN C 556 -30.54 -8.12 -10.42
N PRO C 557 -31.67 -8.81 -10.56
CA PRO C 557 -32.19 -9.09 -11.90
C PRO C 557 -32.59 -7.82 -12.62
N THR C 558 -32.44 -7.82 -13.94
CA THR C 558 -32.83 -6.71 -14.79
C THR C 558 -34.13 -7.03 -15.54
N GLY C 559 -34.97 -7.85 -14.93
CA GLY C 559 -36.23 -8.25 -15.54
C GLY C 559 -36.88 -9.38 -14.77
N GLY C 560 -38.21 -9.36 -14.70
CA GLY C 560 -38.86 -10.37 -13.89
C GLY C 560 -38.60 -10.14 -12.41
N GLN C 561 -38.74 -11.23 -11.65
CA GLN C 561 -38.52 -11.16 -10.21
C GLN C 561 -38.11 -12.53 -9.71
N LEU C 562 -37.25 -12.53 -8.69
CA LEU C 562 -36.78 -13.75 -8.04
C LEU C 562 -37.26 -13.71 -6.59
N LEU C 563 -37.94 -14.77 -6.16
CA LEU C 563 -38.58 -14.81 -4.86
C LEU C 563 -38.10 -16.01 -4.06
N LEU C 564 -37.91 -15.82 -2.76
CA LEU C 564 -37.56 -16.88 -1.84
C LEU C 564 -38.63 -16.95 -0.76
N ASP C 565 -39.37 -18.05 -0.73
CA ASP C 565 -40.47 -18.25 0.22
C ASP C 565 -41.48 -17.11 0.17
N GLY C 566 -41.77 -16.64 -1.05
CA GLY C 566 -42.72 -15.58 -1.25
C GLY C 566 -42.18 -14.17 -1.03
N LYS C 567 -40.92 -14.03 -0.68
CA LYS C 567 -40.33 -12.72 -0.44
C LYS C 567 -39.14 -12.48 -1.35
N PRO C 568 -38.99 -11.27 -1.88
CA PRO C 568 -37.78 -10.94 -2.63
C PRO C 568 -36.55 -11.01 -1.74
N LEU C 569 -35.41 -11.35 -2.33
CA LEU C 569 -34.18 -11.50 -1.57
C LEU C 569 -33.75 -10.27 -0.79
N PRO C 570 -33.81 -9.04 -1.31
CA PRO C 570 -33.33 -7.89 -0.53
C PRO C 570 -34.11 -7.65 0.75
N GLN C 571 -35.33 -8.17 0.88
CA GLN C 571 -36.12 -7.93 2.08
C GLN C 571 -35.56 -8.63 3.31
N TYR C 572 -34.71 -9.62 3.13
CA TYR C 572 -34.13 -10.33 4.28
C TYR C 572 -32.91 -9.61 4.81
N GLU C 573 -32.62 -9.85 6.09
CA GLU C 573 -31.39 -9.33 6.68
C GLU C 573 -30.20 -9.99 6.03
N HIS C 574 -29.10 -9.23 5.89
CA HIS C 574 -27.93 -9.70 5.16
C HIS C 574 -27.36 -10.97 5.78
N ARG C 575 -27.09 -10.94 7.08
CA ARG C 575 -26.53 -12.11 7.75
C ARG C 575 -27.49 -13.29 7.72
N TYR C 576 -28.77 -13.04 7.96
CA TYR C 576 -29.76 -14.12 7.93
C TYR C 576 -29.86 -14.73 6.54
N LEU C 577 -29.88 -13.89 5.50
CA LEU C 577 -29.97 -14.39 4.13
C LEU C 577 -28.74 -15.23 3.78
N HIS C 578 -27.55 -14.76 4.15
CA HIS C 578 -26.35 -15.51 3.82
C HIS C 578 -26.10 -16.69 4.75
N ARG C 579 -26.84 -16.80 5.84
CA ARG C 579 -26.84 -18.03 6.62
C ARG C 579 -27.77 -19.07 6.03
N GLN C 580 -28.98 -18.66 5.66
CA GLN C 580 -29.96 -19.61 5.14
C GLN C 580 -29.63 -20.10 3.73
N VAL C 581 -28.87 -19.31 2.97
CA VAL C 581 -28.46 -19.68 1.62
C VAL C 581 -26.94 -19.79 1.60
N ALA C 582 -26.44 -20.97 1.24
CA ALA C 582 -25.00 -21.21 1.16
C ALA C 582 -24.68 -21.81 -0.19
N ALA C 583 -23.44 -21.65 -0.62
CA ALA C 583 -23.03 -22.10 -1.95
C ALA C 583 -21.56 -22.46 -1.94
N VAL C 584 -21.17 -23.26 -2.92
CA VAL C 584 -19.77 -23.61 -3.16
C VAL C 584 -19.40 -23.08 -4.54
N GLY C 585 -18.39 -22.21 -4.58
CA GLY C 585 -18.01 -21.59 -5.83
C GLY C 585 -17.32 -22.55 -6.77
N GLN C 586 -17.25 -22.14 -8.05
CA GLN C 586 -16.55 -22.94 -9.05
C GLN C 586 -15.06 -22.99 -8.77
N GLU C 587 -14.50 -21.97 -8.13
CA GLU C 587 -13.13 -22.00 -7.62
C GLU C 587 -13.17 -21.38 -6.22
N PRO C 588 -13.33 -22.21 -5.19
CA PRO C 588 -13.56 -21.67 -3.83
C PRO C 588 -12.32 -20.99 -3.29
N GLN C 589 -12.50 -19.75 -2.81
CA GLN C 589 -11.43 -19.04 -2.14
C GLN C 589 -11.26 -19.57 -0.72
N VAL C 590 -10.01 -19.81 -0.33
CA VAL C 590 -9.67 -20.25 1.02
C VAL C 590 -8.72 -19.22 1.63
N PHE C 591 -9.09 -18.70 2.79
CA PHE C 591 -8.32 -17.63 3.41
C PHE C 591 -7.12 -18.20 4.18
N GLY C 592 -6.10 -17.37 4.34
CA GLY C 592 -4.87 -17.78 4.97
C GLY C 592 -4.92 -17.80 6.48
N ARG C 593 -5.67 -18.75 7.04
CA ARG C 593 -5.75 -18.90 8.49
C ARG C 593 -5.97 -20.38 8.80
N SER C 594 -6.17 -20.67 10.09
CA SER C 594 -6.30 -22.05 10.52
C SER C 594 -7.54 -22.72 9.93
N LEU C 595 -7.44 -24.03 9.72
CA LEU C 595 -8.53 -24.75 9.07
C LEU C 595 -9.81 -24.74 9.90
N GLN C 596 -9.69 -24.65 11.23
CA GLN C 596 -10.89 -24.58 12.05
C GLN C 596 -11.61 -23.25 11.86
N GLU C 597 -10.88 -22.18 11.52
CA GLU C 597 -11.50 -20.89 11.25
C GLU C 597 -11.98 -20.76 9.81
N ASN C 598 -11.38 -21.50 8.88
CA ASN C 598 -11.87 -21.48 7.51
C ASN C 598 -13.21 -22.19 7.41
N ILE C 599 -13.34 -23.35 8.08
CA ILE C 599 -14.62 -24.06 8.08
C ILE C 599 -15.68 -23.24 8.78
N ALA C 600 -15.34 -22.62 9.91
CA ALA C 600 -16.25 -21.81 10.69
C ALA C 600 -16.22 -20.34 10.28
N TYR C 601 -15.83 -20.04 9.05
CA TYR C 601 -15.74 -18.66 8.60
C TYR C 601 -17.12 -18.02 8.54
N GLY C 602 -17.18 -16.74 8.94
CA GLY C 602 -18.38 -15.95 8.79
C GLY C 602 -19.45 -16.16 9.83
N LEU C 603 -19.28 -17.13 10.72
CA LEU C 603 -20.30 -17.38 11.74
C LEU C 603 -20.20 -16.35 12.85
N THR C 604 -21.36 -16.00 13.42
CA THR C 604 -21.42 -14.98 14.45
C THR C 604 -20.78 -15.40 15.76
N GLN C 605 -20.54 -16.69 15.95
CA GLN C 605 -19.90 -17.19 17.17
C GLN C 605 -19.03 -18.38 16.82
N LYS C 606 -18.02 -18.60 17.64
CA LYS C 606 -17.11 -19.73 17.41
C LYS C 606 -17.83 -21.03 17.76
N PRO C 607 -18.00 -21.95 16.80
CA PRO C 607 -18.66 -23.22 17.13
C PRO C 607 -17.78 -24.09 18.00
N THR C 608 -18.41 -24.97 18.77
CA THR C 608 -17.66 -25.96 19.52
C THR C 608 -16.96 -26.92 18.58
N MET C 609 -15.86 -27.50 19.04
CA MET C 609 -15.05 -28.37 18.19
C MET C 609 -15.83 -29.56 17.66
N GLU C 610 -16.87 -30.02 18.38
CA GLU C 610 -17.65 -31.15 17.91
C GLU C 610 -18.41 -30.82 16.64
N GLU C 611 -18.90 -29.58 16.50
CA GLU C 611 -19.61 -29.20 15.28
C GLU C 611 -18.68 -29.21 14.08
N ILE C 612 -17.47 -28.66 14.23
CA ILE C 612 -16.53 -28.65 13.12
C ILE C 612 -16.13 -30.08 12.75
N THR C 613 -15.93 -30.93 13.75
CA THR C 613 -15.62 -32.33 13.48
C THR C 613 -16.76 -33.00 12.71
N ALA C 614 -18.00 -32.74 13.13
CA ALA C 614 -19.15 -33.33 12.45
C ALA C 614 -19.23 -32.88 11.00
N ALA C 615 -19.03 -31.58 10.76
CA ALA C 615 -19.08 -31.07 9.39
C ALA C 615 -17.96 -31.65 8.54
N ALA C 616 -16.75 -31.73 9.10
CA ALA C 616 -15.64 -32.27 8.33
C ALA C 616 -15.84 -33.75 8.02
N VAL C 617 -16.44 -34.51 8.94
CA VAL C 617 -16.74 -35.91 8.67
C VAL C 617 -17.83 -36.02 7.61
N LYS C 618 -18.85 -35.16 7.69
CA LYS C 618 -19.94 -35.20 6.72
C LYS C 618 -19.45 -34.90 5.32
N SER C 619 -18.58 -33.91 5.17
CA SER C 619 -18.05 -33.56 3.86
C SER C 619 -16.93 -34.49 3.41
N GLY C 620 -16.46 -35.38 4.28
CA GLY C 620 -15.37 -36.27 3.95
C GLY C 620 -13.99 -35.68 4.14
N ALA C 621 -13.90 -34.43 4.61
CA ALA C 621 -12.58 -33.80 4.78
C ALA C 621 -11.80 -34.44 5.91
N HIS C 622 -12.48 -35.10 6.85
CA HIS C 622 -11.79 -35.68 8.00
C HIS C 622 -10.81 -36.78 7.59
N SER C 623 -10.94 -37.33 6.38
CA SER C 623 -10.01 -38.35 5.92
C SER C 623 -8.59 -37.81 5.79
N PHE C 624 -8.44 -36.52 5.53
CA PHE C 624 -7.11 -35.91 5.38
C PHE C 624 -6.80 -34.89 6.46
N ILE C 625 -7.81 -34.31 7.11
CA ILE C 625 -7.56 -33.35 8.18
C ILE C 625 -6.83 -34.02 9.34
N SER C 626 -7.26 -35.23 9.72
CA SER C 626 -6.64 -35.95 10.81
C SER C 626 -5.21 -36.39 10.50
N GLY C 627 -4.79 -36.34 9.25
CA GLY C 627 -3.44 -36.73 8.90
C GLY C 627 -2.45 -35.59 8.98
N LEU C 628 -2.95 -34.36 9.01
CA LEU C 628 -2.07 -33.21 9.12
C LEU C 628 -1.42 -33.17 10.51
N PRO C 629 -0.14 -32.79 10.61
CA PRO C 629 0.52 -32.80 11.93
C PRO C 629 -0.15 -31.89 12.95
N GLN C 630 -0.66 -30.73 12.53
CA GLN C 630 -1.31 -29.82 13.47
C GLN C 630 -2.83 -29.95 13.48
N GLY C 631 -3.39 -30.86 12.70
CA GLY C 631 -4.83 -31.05 12.71
C GLY C 631 -5.58 -29.83 12.22
N TYR C 632 -6.69 -29.53 12.88
CA TYR C 632 -7.51 -28.38 12.49
C TYR C 632 -6.79 -27.06 12.71
N ASP C 633 -5.71 -27.04 13.50
CA ASP C 633 -4.96 -25.83 13.75
C ASP C 633 -3.90 -25.55 12.70
N THR C 634 -3.77 -26.41 11.69
CA THR C 634 -2.77 -26.22 10.65
C THR C 634 -3.02 -24.91 9.90
N GLU C 635 -1.97 -24.12 9.72
CA GLU C 635 -2.09 -22.89 8.95
C GLU C 635 -2.24 -23.20 7.47
N VAL C 636 -2.97 -22.34 6.77
CA VAL C 636 -3.22 -22.49 5.35
C VAL C 636 -2.55 -21.34 4.61
N ASP C 637 -1.76 -21.66 3.59
CA ASP C 637 -1.13 -20.63 2.78
C ASP C 637 -2.18 -19.89 1.96
N GLU C 638 -1.77 -18.76 1.38
CA GLU C 638 -2.71 -17.88 0.70
C GLU C 638 -3.44 -18.60 -0.43
N ALA C 639 -4.76 -18.38 -0.47
CA ALA C 639 -5.64 -18.89 -1.52
C ALA C 639 -5.69 -20.41 -1.53
N GLY C 640 -5.24 -21.05 -0.45
CA GLY C 640 -5.22 -22.49 -0.38
C GLY C 640 -4.16 -23.15 -1.23
N SER C 641 -3.03 -22.50 -1.46
CA SER C 641 -2.01 -23.04 -2.36
C SER C 641 -1.41 -24.34 -1.85
N GLN C 642 -1.40 -24.57 -0.54
CA GLN C 642 -0.83 -25.79 0.01
C GLN C 642 -1.73 -27.00 -0.19
N LEU C 643 -3.05 -26.81 -0.25
CA LEU C 643 -3.98 -27.92 -0.35
C LEU C 643 -3.96 -28.53 -1.75
N SER C 644 -4.42 -29.77 -1.83
CA SER C 644 -4.53 -30.47 -3.11
C SER C 644 -5.80 -30.05 -3.84
N GLY C 645 -6.11 -30.77 -4.92
CA GLY C 645 -7.26 -30.45 -5.75
C GLY C 645 -8.61 -30.62 -5.07
N GLY C 646 -8.98 -31.85 -4.78
CA GLY C 646 -10.29 -32.12 -4.21
C GLY C 646 -10.43 -31.74 -2.75
N GLN C 647 -9.29 -31.58 -2.05
CA GLN C 647 -9.34 -31.16 -0.65
C GLN C 647 -9.96 -29.78 -0.52
N ARG C 648 -9.69 -28.89 -1.48
CA ARG C 648 -10.29 -27.56 -1.44
C ARG C 648 -11.80 -27.63 -1.58
N GLN C 649 -12.31 -28.46 -2.49
CA GLN C 649 -13.77 -28.62 -2.62
C GLN C 649 -14.37 -29.24 -1.36
N ALA C 650 -13.67 -30.21 -0.76
CA ALA C 650 -14.17 -30.79 0.48
C ALA C 650 -14.23 -29.77 1.61
N VAL C 651 -13.21 -28.93 1.74
CA VAL C 651 -13.21 -27.90 2.78
C VAL C 651 -14.31 -26.87 2.51
N ALA C 652 -14.50 -26.51 1.24
CA ALA C 652 -15.58 -25.58 0.90
C ALA C 652 -16.95 -26.16 1.23
N LEU C 653 -17.16 -27.45 0.94
CA LEU C 653 -18.43 -28.09 1.29
C LEU C 653 -18.63 -28.14 2.79
N ALA C 654 -17.57 -28.44 3.55
CA ALA C 654 -17.67 -28.42 4.99
C ALA C 654 -18.01 -27.03 5.51
N ARG C 655 -17.39 -26.00 4.93
CA ARG C 655 -17.72 -24.63 5.29
C ARG C 655 -19.17 -24.30 5.01
N ALA C 656 -19.70 -24.79 3.88
CA ALA C 656 -21.09 -24.53 3.56
C ALA C 656 -22.03 -25.29 4.48
N LEU C 657 -21.63 -26.48 4.93
CA LEU C 657 -22.54 -27.31 5.72
C LEU C 657 -22.55 -26.97 7.20
N ILE C 658 -21.50 -26.31 7.71
CA ILE C 658 -21.45 -25.98 9.12
C ILE C 658 -22.58 -25.04 9.52
N ARG C 659 -23.14 -24.29 8.57
CA ARG C 659 -24.22 -23.37 8.87
C ARG C 659 -25.58 -24.06 8.93
N LYS C 660 -25.66 -25.32 8.50
CA LYS C 660 -26.93 -26.00 8.29
C LYS C 660 -27.85 -25.17 7.39
N PRO C 661 -27.47 -24.95 6.13
CA PRO C 661 -28.24 -24.04 5.28
C PRO C 661 -29.56 -24.65 4.86
N CYS C 662 -30.42 -23.77 4.33
CA CYS C 662 -31.71 -24.18 3.79
C CYS C 662 -31.69 -24.38 2.28
N VAL C 663 -30.87 -23.61 1.56
CA VAL C 663 -30.66 -23.78 0.13
C VAL C 663 -29.16 -23.97 -0.10
N LEU C 664 -28.80 -25.03 -0.82
CA LEU C 664 -27.41 -25.38 -1.05
C LEU C 664 -27.12 -25.37 -2.55
N ILE C 665 -26.00 -24.75 -2.94
CA ILE C 665 -25.58 -24.65 -4.32
C ILE C 665 -24.21 -25.29 -4.46
N LEU C 666 -24.03 -26.10 -5.50
CA LEU C 666 -22.77 -26.81 -5.74
C LEU C 666 -22.36 -26.58 -7.19
N ASP C 667 -21.38 -25.71 -7.39
CA ASP C 667 -20.92 -25.41 -8.74
C ASP C 667 -19.95 -26.45 -9.28
N ASP C 668 -18.99 -26.90 -8.47
CA ASP C 668 -18.02 -27.86 -8.98
C ASP C 668 -17.67 -28.96 -7.98
N ALA C 669 -18.41 -29.14 -6.89
CA ALA C 669 -18.09 -30.19 -5.94
C ALA C 669 -18.67 -31.53 -6.40
N THR C 670 -18.39 -31.92 -7.65
CA THR C 670 -18.77 -33.22 -8.16
C THR C 670 -17.60 -33.89 -8.86
N SER C 671 -16.69 -33.07 -9.41
CA SER C 671 -15.65 -33.61 -10.28
C SER C 671 -14.36 -33.90 -9.52
N ALA C 672 -13.82 -32.91 -8.81
CA ALA C 672 -12.50 -33.04 -8.21
C ALA C 672 -12.50 -33.90 -6.94
N LEU C 673 -13.67 -34.29 -6.45
CA LEU C 673 -13.75 -35.03 -5.19
C LEU C 673 -13.19 -36.43 -5.34
N ASP C 674 -12.65 -36.96 -4.24
CA ASP C 674 -12.08 -38.29 -4.24
C ASP C 674 -13.18 -39.35 -4.15
N ALA C 675 -12.76 -40.62 -4.07
CA ALA C 675 -13.70 -41.72 -4.02
C ALA C 675 -14.57 -41.69 -2.76
N ASN C 676 -13.99 -41.42 -1.60
CA ASN C 676 -14.76 -41.39 -0.37
C ASN C 676 -15.65 -40.16 -0.31
N SER C 677 -15.11 -39.00 -0.69
CA SER C 677 -15.90 -37.77 -0.65
C SER C 677 -17.07 -37.82 -1.63
N GLN C 678 -16.88 -38.47 -2.79
CA GLN C 678 -17.99 -38.61 -3.72
C GLN C 678 -19.13 -39.44 -3.12
N LEU C 679 -18.79 -40.53 -2.43
CA LEU C 679 -19.80 -41.34 -1.79
C LEU C 679 -20.50 -40.57 -0.67
N GLN C 680 -19.73 -39.80 0.11
CA GLN C 680 -20.35 -38.97 1.14
C GLN C 680 -21.30 -37.93 0.54
N VAL C 681 -20.89 -37.31 -0.57
CA VAL C 681 -21.71 -36.29 -1.21
C VAL C 681 -23.01 -36.90 -1.73
N GLU C 682 -22.92 -38.05 -2.41
CA GLU C 682 -24.13 -38.68 -2.92
C GLU C 682 -25.01 -39.17 -1.78
N GLN C 683 -24.41 -39.62 -0.68
CA GLN C 683 -25.20 -40.02 0.48
C GLN C 683 -25.95 -38.86 1.08
N LEU C 684 -25.30 -37.70 1.22
CA LEU C 684 -25.98 -36.55 1.79
C LEU C 684 -27.02 -35.98 0.84
N LEU C 685 -26.79 -36.09 -0.47
CA LEU C 685 -27.74 -35.54 -1.43
C LEU C 685 -28.98 -36.41 -1.57
N TYR C 686 -28.80 -37.74 -1.59
CA TYR C 686 -29.87 -38.62 -2.03
C TYR C 686 -30.41 -39.58 -0.97
N GLU C 687 -29.71 -39.75 0.16
CA GLU C 687 -30.22 -40.69 1.17
C GLU C 687 -30.11 -40.20 2.60
N SER C 688 -29.40 -39.11 2.89
CA SER C 688 -29.28 -38.65 4.27
C SER C 688 -30.64 -38.18 4.80
N PRO C 689 -30.89 -38.37 6.10
CA PRO C 689 -32.18 -37.93 6.67
C PRO C 689 -32.40 -36.43 6.58
N GLU C 690 -31.33 -35.63 6.56
CA GLU C 690 -31.45 -34.17 6.55
C GLU C 690 -31.85 -33.62 5.18
N ARG C 691 -32.21 -34.47 4.23
CA ARG C 691 -32.57 -34.01 2.89
C ARG C 691 -33.80 -33.12 2.92
N TYR C 692 -34.82 -33.52 3.69
CA TYR C 692 -36.14 -32.90 3.59
C TYR C 692 -36.18 -31.47 4.09
N SER C 693 -35.13 -31.00 4.77
CA SER C 693 -35.08 -29.61 5.21
C SER C 693 -34.34 -28.71 4.22
N ARG C 694 -33.85 -29.25 3.11
CA ARG C 694 -33.01 -28.51 2.19
C ARG C 694 -33.54 -28.61 0.76
N SER C 695 -33.22 -27.59 -0.03
CA SER C 695 -33.36 -27.61 -1.47
C SER C 695 -32.00 -27.37 -2.11
N VAL C 696 -31.66 -28.19 -3.11
CA VAL C 696 -30.32 -28.22 -3.66
C VAL C 696 -30.37 -27.83 -5.12
N LEU C 697 -29.48 -26.93 -5.52
CA LEU C 697 -29.31 -26.52 -6.91
C LEU C 697 -27.94 -27.05 -7.36
N LEU C 698 -27.95 -28.21 -8.01
CA LEU C 698 -26.71 -28.85 -8.45
C LEU C 698 -26.36 -28.35 -9.84
N ILE C 699 -25.24 -27.64 -9.96
CA ILE C 699 -24.77 -27.09 -11.22
C ILE C 699 -23.59 -27.93 -11.69
N THR C 700 -23.76 -28.64 -12.80
CA THR C 700 -22.71 -29.49 -13.33
C THR C 700 -23.04 -29.91 -14.76
N GLN C 701 -22.08 -29.80 -15.68
CA GLN C 701 -22.29 -30.20 -17.05
C GLN C 701 -21.96 -31.67 -17.29
N HIS C 702 -21.47 -32.38 -16.29
CA HIS C 702 -21.17 -33.79 -16.41
C HIS C 702 -22.34 -34.64 -15.91
N LEU C 703 -22.29 -35.93 -16.25
CA LEU C 703 -23.31 -36.89 -15.87
C LEU C 703 -23.06 -37.53 -14.51
N SER C 704 -22.06 -37.03 -13.76
CA SER C 704 -21.61 -37.70 -12.55
C SER C 704 -22.74 -37.96 -11.57
N LEU C 705 -23.55 -36.93 -11.28
CA LEU C 705 -24.60 -37.05 -10.29
C LEU C 705 -25.97 -36.58 -10.76
N VAL C 706 -26.14 -36.24 -12.04
CA VAL C 706 -27.42 -35.72 -12.51
C VAL C 706 -28.42 -36.81 -12.85
N GLU C 707 -28.01 -38.08 -12.83
CA GLU C 707 -28.94 -39.16 -13.15
C GLU C 707 -30.05 -39.27 -12.12
N GLN C 708 -29.71 -39.13 -10.84
CA GLN C 708 -30.67 -39.32 -9.77
C GLN C 708 -31.43 -38.05 -9.41
N ALA C 709 -31.16 -36.93 -10.07
CA ALA C 709 -31.84 -35.69 -9.75
C ALA C 709 -33.32 -35.76 -10.13
N ASP C 710 -34.15 -35.11 -9.31
CA ASP C 710 -35.58 -35.10 -9.58
C ASP C 710 -35.91 -34.33 -10.85
N HIS C 711 -35.22 -33.22 -11.10
CA HIS C 711 -35.45 -32.42 -12.30
C HIS C 711 -34.10 -32.07 -12.92
N ILE C 712 -34.05 -32.11 -14.25
CA ILE C 712 -32.88 -31.72 -15.01
C ILE C 712 -33.28 -30.55 -15.92
N LEU C 713 -32.55 -29.44 -15.80
CA LEU C 713 -32.81 -28.25 -16.59
C LEU C 713 -31.64 -28.03 -17.53
N PHE C 714 -31.93 -27.94 -18.83
CA PHE C 714 -30.90 -27.72 -19.84
C PHE C 714 -30.89 -26.25 -20.21
N LEU C 715 -29.75 -25.60 -20.01
CA LEU C 715 -29.60 -24.17 -20.23
C LEU C 715 -28.66 -23.96 -21.41
N GLU C 716 -29.20 -23.45 -22.52
CA GLU C 716 -28.42 -23.19 -23.73
C GLU C 716 -28.63 -21.74 -24.16
N GLY C 717 -27.53 -21.00 -24.27
CA GLY C 717 -27.58 -19.62 -24.70
C GLY C 717 -28.39 -18.73 -23.77
N GLY C 718 -28.33 -19.00 -22.48
CA GLY C 718 -29.05 -18.20 -21.51
C GLY C 718 -30.53 -18.48 -21.41
N ALA C 719 -31.03 -19.52 -22.08
CA ALA C 719 -32.44 -19.86 -22.02
C ALA C 719 -32.60 -21.35 -21.82
N ILE C 720 -33.65 -21.72 -21.10
CA ILE C 720 -33.93 -23.13 -20.83
C ILE C 720 -34.55 -23.77 -22.06
N ARG C 721 -33.99 -24.90 -22.48
CA ARG C 721 -34.45 -25.62 -23.66
C ARG C 721 -35.27 -26.85 -23.37
N GLU C 722 -34.82 -27.70 -22.44
CA GLU C 722 -35.51 -28.94 -22.14
C GLU C 722 -35.55 -29.14 -20.63
N GLY C 723 -36.55 -29.87 -20.17
CA GLY C 723 -36.72 -30.12 -18.75
C GLY C 723 -37.43 -31.43 -18.51
N GLY C 724 -37.08 -32.06 -17.39
CA GLY C 724 -37.69 -33.32 -17.04
C GLY C 724 -36.69 -34.23 -16.37
N THR C 725 -37.18 -35.40 -15.98
CA THR C 725 -36.31 -36.40 -15.35
C THR C 725 -35.37 -37.01 -16.39
N HIS C 726 -34.50 -37.91 -15.91
CA HIS C 726 -33.51 -38.51 -16.79
C HIS C 726 -34.16 -39.30 -17.92
N GLN C 727 -35.15 -40.12 -17.60
CA GLN C 727 -35.82 -40.92 -18.63
C GLN C 727 -36.64 -40.03 -19.56
N GLN C 728 -37.36 -39.06 -18.99
CA GLN C 728 -38.16 -38.16 -19.81
C GLN C 728 -37.28 -37.35 -20.74
N LEU C 729 -36.12 -36.90 -20.25
CA LEU C 729 -35.21 -36.13 -21.09
C LEU C 729 -34.57 -36.99 -22.17
N MET C 730 -34.17 -38.21 -21.83
CA MET C 730 -33.45 -39.05 -22.78
C MET C 730 -34.39 -39.64 -23.83
N GLU C 731 -35.66 -39.88 -23.48
CA GLU C 731 -36.57 -40.55 -24.41
C GLU C 731 -36.84 -39.70 -25.65
N LYS C 732 -36.98 -38.38 -25.47
CA LYS C 732 -37.35 -37.52 -26.59
C LYS C 732 -36.18 -37.18 -27.51
N LYS C 733 -34.96 -37.58 -27.17
CA LYS C 733 -33.81 -37.30 -28.01
C LYS C 733 -32.95 -38.52 -28.30
N GLY C 734 -33.39 -39.73 -27.96
CA GLY C 734 -32.55 -40.90 -28.14
C GLY C 734 -31.34 -40.79 -27.24
N CYS C 735 -30.15 -41.02 -27.81
CA CYS C 735 -28.90 -40.83 -27.08
C CYS C 735 -28.64 -39.33 -26.97
N TYR C 736 -29.24 -38.72 -25.94
CA TYR C 736 -29.18 -37.27 -25.80
C TYR C 736 -27.75 -36.78 -25.65
N TRP C 737 -26.99 -37.37 -24.72
CA TRP C 737 -25.60 -37.02 -24.54
C TRP C 737 -24.77 -38.30 -24.38
N ALA C 738 -23.46 -38.12 -24.37
CA ALA C 738 -22.50 -39.22 -24.31
C ALA C 738 -22.67 -40.16 -25.49
N MET C 739 -22.70 -39.58 -26.70
CA MET C 739 -22.77 -40.40 -27.91
C MET C 739 -21.54 -41.30 -28.07
N VAL C 740 -20.38 -40.83 -27.64
CA VAL C 740 -19.15 -41.64 -27.71
C VAL C 740 -18.51 -41.71 -26.33
PB ADP D . -2.07 -33.28 -7.03
O1B ADP D . -1.15 -33.97 -8.02
O2B ADP D . -2.18 -31.78 -7.23
O3B ADP D . -3.39 -33.96 -6.83
PA ADP D . 0.03 -32.63 -5.32
O1A ADP D . 1.05 -33.00 -6.37
O2A ADP D . -0.30 -31.17 -5.10
O3A ADP D . -1.32 -33.43 -5.63
O5' ADP D . 0.51 -33.25 -3.92
C5' ADP D . 1.77 -32.89 -3.36
C4' ADP D . 1.65 -32.89 -1.84
O4' ADP D . 2.59 -31.95 -1.33
C3' ADP D . 0.27 -32.48 -1.39
O3' ADP D . -0.27 -33.47 -0.53
C2' ADP D . 0.44 -31.18 -0.63
O2' ADP D . -0.09 -31.31 0.69
C1' ADP D . 1.94 -30.92 -0.57
N9 ADP D . 2.23 -29.61 -1.21
C8 ADP D . 1.68 -29.16 -2.34
N7 ADP D . 2.15 -27.93 -2.66
C5 ADP D . 3.02 -27.57 -1.70
C6 ADP D . 3.88 -26.40 -1.42
N6 ADP D . 3.90 -25.33 -2.24
N1 ADP D . 4.64 -26.43 -0.30
C2 ADP D . 4.64 -27.49 0.52
N3 ADP D . 3.89 -28.58 0.33
C4 ADP D . 3.07 -28.69 -0.74
MG MG E . -3.64 -31.18 -8.47
PG ATP F . -18.94 -22.73 -17.22
O1G ATP F . -19.78 -23.95 -17.25
O2G ATP F . -17.83 -22.71 -18.28
O3G ATP F . -18.31 -22.44 -15.85
PB ATP F . -21.18 -20.77 -17.11
O1B ATP F . -22.34 -21.38 -17.81
O2B ATP F . -21.24 -20.82 -15.59
O3B ATP F . -19.82 -21.44 -17.54
PA ATP F . -21.02 -17.83 -16.83
O1A ATP F . -19.88 -17.65 -15.90
O2A ATP F . -22.39 -17.70 -16.19
O3A ATP F . -20.97 -19.26 -17.54
O5' ATP F . -20.94 -16.82 -18.04
C5' ATP F . -22.11 -16.52 -18.83
C4' ATP F . -21.77 -15.48 -19.87
O4' ATP F . -21.61 -14.19 -19.25
C3' ATP F . -20.49 -15.73 -20.68
O3' ATP F . -20.65 -15.35 -22.03
C2' ATP F . -19.46 -14.87 -19.95
O2' ATP F . -18.42 -14.43 -20.84
C1' ATP F . -20.31 -13.68 -19.51
N9 ATP F . -19.83 -13.01 -18.31
C8 ATP F . -19.46 -13.62 -17.13
N7 ATP F . -19.06 -12.77 -16.20
C5 ATP F . -19.20 -11.53 -16.81
C6 ATP F . -18.94 -10.22 -16.37
N6 ATP F . -18.49 -9.93 -15.14
N1 ATP F . -19.17 -9.21 -17.22
C2 ATP F . -19.63 -9.49 -18.45
N3 ATP F . -19.90 -10.68 -18.98
C4 ATP F . -19.66 -11.67 -18.11
MG MG G . -19.48 -21.48 -14.44
#